data_2AFW
#
_entry.id   2AFW
#
_cell.length_a   119.132
_cell.length_b   119.132
_cell.length_c   332.826
_cell.angle_alpha   90.00
_cell.angle_beta   90.00
_cell.angle_gamma   120.00
#
_symmetry.space_group_name_H-M   'H 3 2'
#
loop_
_entity.id
_entity.type
_entity.pdbx_description
1 polymer 'Glutaminyl-peptide cyclotransferase'
2 non-polymer 'ZINC ION'
3 non-polymer 'SULFATE ION'
4 non-polymer N-[2-(1H-IMIDAZOL-4-YL)ETHYL]ACETAMIDE
5 water water
#
_entity_poly.entity_id   1
_entity_poly.type   'polypeptide(L)'
_entity_poly.pdbx_seq_one_letter_code
;ASAWPEEKNYHQPAILNSSALRQIAEGTSISEMWQNDLQPLLIERYPGSPGSYAARQHIMQRIQRLQADWVLEIDTFLSQ
TPYGYRSFSNIISTLNPTAKRHLVLACHYDSKYFSHWNNRVFVGATDSAVPCAMMLELARALDKKLLSLKTVSDSKPDLS
LQLIFFDGEEAFLHWSPQDSLYGSRHLAAKMASTPHPPGARGTSQLHGMDLLVLLDLIGAPNPTFPNFFPNSARWFERLQ
AIEHELHELGLLKDHSLEGRYFQNYSYGGVIQDDHIPFLRRGVPVLHLIPSPFPEVWHTMDDNEENLDESTIDNLNKILQ
VFVLEYLHL
;
_entity_poly.pdbx_strand_id   A,B
#
# COMPACT_ATOMS: atom_id res chain seq x y z
N ALA A 1 -10.08 -7.15 -24.18
CA ALA A 1 -10.39 -6.44 -22.89
C ALA A 1 -11.57 -7.12 -22.16
N SER A 2 -11.25 -8.07 -21.26
CA SER A 2 -12.24 -8.85 -20.51
C SER A 2 -13.36 -8.07 -19.81
N ALA A 3 -14.56 -8.60 -19.87
CA ALA A 3 -15.68 -7.93 -19.21
C ALA A 3 -15.94 -8.60 -17.85
N TRP A 4 -14.96 -9.28 -17.27
CA TRP A 4 -15.26 -9.98 -16.01
C TRP A 4 -15.77 -9.04 -14.88
N PRO A 5 -15.30 -7.79 -14.84
CA PRO A 5 -15.83 -6.94 -13.76
C PRO A 5 -17.32 -6.66 -13.88
N GLU A 6 -17.94 -7.03 -15.01
CA GLU A 6 -19.38 -6.83 -15.18
C GLU A 6 -20.17 -8.05 -14.70
N GLU A 7 -19.46 -9.14 -14.41
CA GLU A 7 -20.18 -10.37 -14.00
C GLU A 7 -21.07 -10.13 -12.76
N LYS A 8 -20.61 -9.30 -11.84
CA LYS A 8 -21.41 -9.03 -10.63
C LYS A 8 -22.80 -8.47 -10.98
N ASN A 9 -22.91 -7.77 -12.09
CA ASN A 9 -24.20 -7.19 -12.46
C ASN A 9 -25.25 -8.22 -12.89
N TYR A 10 -24.79 -9.39 -13.33
CA TYR A 10 -25.69 -10.45 -13.81
C TYR A 10 -25.76 -11.62 -12.89
N HIS A 11 -24.93 -11.60 -11.84
CA HIS A 11 -24.86 -12.70 -10.92
C HIS A 11 -26.18 -12.99 -10.23
N GLN A 12 -26.60 -14.26 -10.23
CA GLN A 12 -27.85 -14.66 -9.59
C GLN A 12 -27.56 -15.65 -8.48
N PRO A 13 -28.40 -15.67 -7.45
CA PRO A 13 -28.13 -16.62 -6.38
C PRO A 13 -28.63 -18.03 -6.75
N ALA A 14 -28.10 -19.02 -6.08
CA ALA A 14 -28.58 -20.40 -6.23
C ALA A 14 -29.35 -20.58 -4.91
N ILE A 15 -30.67 -20.47 -5.01
CA ILE A 15 -31.55 -20.50 -3.84
C ILE A 15 -31.68 -21.84 -3.12
N LEU A 16 -31.60 -21.80 -1.80
CA LEU A 16 -31.69 -23.01 -1.00
C LEU A 16 -33.13 -23.47 -0.84
N ASN A 17 -33.34 -24.78 -0.94
CA ASN A 17 -34.68 -25.33 -0.77
C ASN A 17 -34.95 -25.47 0.72
N SER A 18 -36.17 -25.89 1.08
CA SER A 18 -36.53 -26.02 2.50
C SER A 18 -35.63 -26.91 3.34
N SER A 19 -35.23 -28.06 2.79
CA SER A 19 -34.38 -28.92 3.57
C SER A 19 -33.04 -28.24 3.85
N ALA A 20 -32.52 -27.52 2.87
CA ALA A 20 -31.25 -26.84 3.04
C ALA A 20 -31.39 -25.69 4.04
N LEU A 21 -32.53 -25.00 4.02
CA LEU A 21 -32.72 -23.89 4.96
C LEU A 21 -32.77 -24.46 6.38
N ARG A 22 -33.46 -25.59 6.55
CA ARG A 22 -33.48 -26.19 7.88
C ARG A 22 -32.07 -26.55 8.32
N GLN A 23 -31.25 -27.07 7.39
CA GLN A 23 -29.89 -27.43 7.75
C GLN A 23 -29.09 -26.23 8.23
N ILE A 24 -29.21 -25.11 7.52
CA ILE A 24 -28.47 -23.93 7.93
C ILE A 24 -28.97 -23.40 9.28
N ALA A 25 -30.29 -23.39 9.47
CA ALA A 25 -30.82 -22.92 10.75
C ALA A 25 -30.28 -23.76 11.88
N GLU A 26 -30.23 -25.08 11.67
CA GLU A 26 -29.72 -25.96 12.72
C GLU A 26 -28.21 -25.93 12.88
N GLY A 27 -27.49 -25.43 11.88
CA GLY A 27 -26.03 -25.47 11.92
C GLY A 27 -25.29 -24.31 12.56
N THR A 28 -26.05 -23.31 13.02
CA THR A 28 -25.44 -22.18 13.67
C THR A 28 -25.88 -22.21 15.14
N SER A 29 -25.00 -21.80 16.04
CA SER A 29 -25.29 -21.86 17.46
C SER A 29 -25.05 -20.53 18.10
N ILE A 30 -26.15 -19.87 18.51
CA ILE A 30 -26.00 -18.57 19.11
C ILE A 30 -25.28 -18.65 20.45
N SER A 31 -25.47 -19.73 21.19
CA SER A 31 -24.76 -19.82 22.47
C SER A 31 -23.23 -20.04 22.30
N GLU A 32 -22.85 -20.82 21.30
CA GLU A 32 -21.43 -21.02 21.03
C GLU A 32 -20.82 -19.70 20.56
N MET A 33 -21.54 -18.96 19.71
CA MET A 33 -21.01 -17.66 19.27
C MET A 33 -20.85 -16.75 20.46
N TRP A 34 -21.85 -16.74 21.34
CA TRP A 34 -21.84 -15.86 22.49
C TRP A 34 -20.60 -16.07 23.35
N GLN A 35 -20.34 -17.34 23.68
CA GLN A 35 -19.22 -17.64 24.55
C GLN A 35 -17.86 -17.58 23.88
N ASN A 36 -17.79 -18.09 22.66
CA ASN A 36 -16.52 -18.22 22.00
C ASN A 36 -16.06 -17.12 21.11
N ASP A 37 -17.02 -16.39 20.53
CA ASP A 37 -16.67 -15.33 19.60
C ASP A 37 -17.00 -13.92 20.09
N LEU A 38 -18.14 -13.79 20.79
CA LEU A 38 -18.55 -12.47 21.26
C LEU A 38 -17.95 -12.00 22.59
N GLN A 39 -18.04 -12.82 23.62
CA GLN A 39 -17.57 -12.35 24.92
C GLN A 39 -16.12 -11.87 24.93
N PRO A 40 -15.19 -12.55 24.20
CA PRO A 40 -13.81 -12.06 24.22
C PRO A 40 -13.64 -10.69 23.61
N LEU A 41 -14.63 -10.25 22.83
CA LEU A 41 -14.56 -8.92 22.20
C LEU A 41 -15.23 -7.82 23.01
N LEU A 42 -15.94 -8.20 24.06
CA LEU A 42 -16.63 -7.21 24.86
C LEU A 42 -15.68 -6.57 25.85
N ILE A 43 -14.71 -5.87 25.26
CA ILE A 43 -13.65 -5.19 25.97
C ILE A 43 -13.36 -3.84 25.32
N GLU A 44 -12.71 -2.95 26.06
CA GLU A 44 -12.31 -1.67 25.54
C GLU A 44 -11.25 -1.93 24.47
N ARG A 45 -11.47 -1.44 23.25
CA ARG A 45 -10.55 -1.78 22.16
C ARG A 45 -10.42 -0.63 21.16
N TYR A 46 -10.21 0.57 21.66
CA TYR A 46 -10.03 1.73 20.78
C TYR A 46 -8.65 1.57 20.10
N PRO A 47 -8.47 2.21 18.95
CA PRO A 47 -7.19 2.05 18.26
C PRO A 47 -5.92 2.30 19.10
N GLY A 48 -4.98 1.37 18.99
CA GLY A 48 -3.71 1.48 19.70
C GLY A 48 -3.73 0.98 21.12
N SER A 49 -4.91 0.62 21.63
CA SER A 49 -5.02 0.14 23.00
C SER A 49 -4.65 -1.33 23.13
N PRO A 50 -4.39 -1.78 24.37
CA PRO A 50 -4.06 -3.19 24.54
C PRO A 50 -5.24 -4.05 24.08
N GLY A 51 -6.44 -3.52 24.24
CA GLY A 51 -7.63 -4.25 23.86
C GLY A 51 -7.73 -4.42 22.35
N SER A 52 -7.25 -3.42 21.64
CA SER A 52 -7.25 -3.53 20.17
C SER A 52 -6.38 -4.72 19.79
N TYR A 53 -5.21 -4.83 20.42
CA TYR A 53 -4.34 -5.96 20.10
C TYR A 53 -5.01 -7.30 20.47
N ALA A 54 -5.63 -7.37 21.65
CA ALA A 54 -6.29 -8.59 22.09
C ALA A 54 -7.44 -8.98 21.15
N ALA A 55 -8.19 -7.98 20.69
CA ALA A 55 -9.32 -8.22 19.79
C ALA A 55 -8.82 -8.76 18.46
N ARG A 56 -7.76 -8.14 17.96
CA ARG A 56 -7.17 -8.58 16.70
C ARG A 56 -6.64 -10.04 16.82
N GLN A 57 -5.99 -10.35 17.95
CA GLN A 57 -5.48 -11.73 18.15
C GLN A 57 -6.61 -12.73 18.23
N HIS A 58 -7.68 -12.35 18.89
CA HIS A 58 -8.84 -13.18 19.02
C HIS A 58 -9.47 -13.47 17.64
N ILE A 59 -9.68 -12.42 16.86
CA ILE A 59 -10.26 -12.58 15.55
C ILE A 59 -9.39 -13.49 14.68
N MET A 60 -8.08 -13.25 14.70
CA MET A 60 -7.20 -14.08 13.87
C MET A 60 -7.16 -15.53 14.32
N GLN A 61 -7.12 -15.73 15.62
CA GLN A 61 -7.09 -17.09 16.17
C GLN A 61 -8.35 -17.88 15.86
N ARG A 62 -9.50 -17.21 15.95
CA ARG A 62 -10.75 -17.86 15.65
C ARG A 62 -10.87 -18.26 14.17
N ILE A 63 -10.31 -17.45 13.27
CA ILE A 63 -10.34 -17.81 11.86
C ILE A 63 -9.30 -18.92 11.59
N GLN A 64 -8.12 -18.80 12.24
CA GLN A 64 -7.04 -19.76 11.99
C GLN A 64 -7.39 -21.19 12.35
N ARG A 65 -8.25 -21.38 13.34
CA ARG A 65 -8.61 -22.73 13.75
C ARG A 65 -9.59 -23.44 12.81
N LEU A 66 -10.13 -22.72 11.84
CA LEU A 66 -11.07 -23.31 10.90
C LEU A 66 -10.38 -24.13 9.80
N GLN A 67 -11.12 -25.06 9.21
CA GLN A 67 -10.59 -25.91 8.15
C GLN A 67 -10.42 -25.20 6.80
N ALA A 68 -11.35 -24.29 6.46
CA ALA A 68 -11.25 -23.59 5.18
C ALA A 68 -9.93 -22.83 5.06
N ASP A 69 -9.49 -22.61 3.83
CA ASP A 69 -8.19 -22.04 3.53
C ASP A 69 -8.10 -20.52 3.61
N TRP A 70 -8.40 -19.97 4.79
CA TRP A 70 -8.38 -18.51 4.98
C TRP A 70 -6.96 -17.97 4.96
N VAL A 71 -6.76 -16.87 4.24
CA VAL A 71 -5.47 -16.22 4.21
C VAL A 71 -5.65 -14.92 4.99
N LEU A 72 -4.92 -14.79 6.08
CA LEU A 72 -5.02 -13.60 6.92
C LEU A 72 -3.97 -12.58 6.60
N GLU A 73 -4.38 -11.32 6.53
CA GLU A 73 -3.43 -10.24 6.31
C GLU A 73 -3.76 -9.13 7.29
N ILE A 74 -2.73 -8.54 7.88
CA ILE A 74 -2.92 -7.39 8.77
C ILE A 74 -2.41 -6.20 7.99
N ASP A 75 -3.29 -5.21 7.79
CA ASP A 75 -3.02 -4.01 7.03
C ASP A 75 -2.78 -2.89 8.03
N THR A 76 -1.50 -2.64 8.30
CA THR A 76 -1.09 -1.64 9.29
C THR A 76 -0.60 -0.37 8.63
N PHE A 77 -1.06 0.77 9.14
CA PHE A 77 -0.71 2.05 8.56
C PHE A 77 -0.80 3.17 9.58
N LEU A 78 -0.23 4.31 9.20
CA LEU A 78 -0.26 5.52 10.02
C LEU A 78 -1.27 6.53 9.49
N SER A 79 -1.88 7.30 10.39
CA SER A 79 -2.72 8.38 9.98
C SER A 79 -2.60 9.49 11.01
N GLN A 80 -2.82 10.71 10.57
CA GLN A 80 -2.89 11.85 11.50
C GLN A 80 -4.26 11.69 12.19
N THR A 81 -4.36 12.15 13.44
CA THR A 81 -5.60 12.09 14.21
C THR A 81 -5.58 13.32 15.13
N PRO A 82 -6.66 13.56 15.86
CA PRO A 82 -6.70 14.72 16.76
C PRO A 82 -5.64 14.63 17.81
N TYR A 83 -5.13 13.42 18.01
CA TYR A 83 -4.09 13.19 19.01
C TYR A 83 -2.72 12.98 18.39
N GLY A 84 -2.56 13.38 17.14
CA GLY A 84 -1.30 13.23 16.46
C GLY A 84 -1.23 11.95 15.65
N TYR A 85 -0.07 11.67 15.10
CA TYR A 85 0.06 10.46 14.28
C TYR A 85 -0.16 9.22 15.13
N ARG A 86 -0.95 8.27 14.59
CA ARG A 86 -1.20 7.00 15.26
C ARG A 86 -1.20 5.85 14.26
N SER A 87 -1.06 4.63 14.77
CA SER A 87 -1.06 3.40 13.94
C SER A 87 -2.38 2.67 14.05
N PHE A 88 -2.81 2.07 12.93
CA PHE A 88 -4.08 1.35 12.86
C PHE A 88 -3.81 0.05 12.14
N SER A 89 -4.63 -0.98 12.40
CA SER A 89 -4.46 -2.26 11.75
C SER A 89 -5.77 -2.91 11.32
N ASN A 90 -6.04 -2.92 10.01
CA ASN A 90 -7.22 -3.60 9.53
C ASN A 90 -6.90 -5.08 9.45
N ILE A 91 -7.92 -5.91 9.59
CA ILE A 91 -7.75 -7.36 9.49
C ILE A 91 -8.50 -7.83 8.24
N ILE A 92 -7.82 -8.54 7.33
CA ILE A 92 -8.49 -9.01 6.14
C ILE A 92 -8.31 -10.51 6.07
N SER A 93 -9.41 -11.23 5.89
CA SER A 93 -9.38 -12.69 5.84
C SER A 93 -9.96 -13.09 4.50
N THR A 94 -9.18 -13.80 3.66
CA THR A 94 -9.66 -14.08 2.31
C THR A 94 -9.58 -15.52 1.90
N LEU A 95 -10.64 -16.02 1.29
CA LEU A 95 -10.58 -17.39 0.71
C LEU A 95 -10.26 -17.14 -0.77
N ASN A 96 -9.33 -17.94 -1.34
CA ASN A 96 -8.95 -17.80 -2.76
C ASN A 96 -8.53 -16.39 -3.16
N PRO A 97 -7.39 -15.92 -2.64
CA PRO A 97 -6.86 -14.58 -2.91
C PRO A 97 -6.73 -14.23 -4.37
N THR A 98 -6.43 -15.22 -5.22
CA THR A 98 -6.30 -14.88 -6.65
C THR A 98 -7.59 -14.97 -7.44
N ALA A 99 -8.66 -15.45 -6.82
CA ALA A 99 -9.95 -15.52 -7.51
C ALA A 99 -10.24 -14.07 -7.89
N LYS A 100 -10.79 -13.85 -9.08
CA LYS A 100 -11.04 -12.46 -9.51
C LYS A 100 -12.11 -11.73 -8.72
N ARG A 101 -13.14 -12.45 -8.32
CA ARG A 101 -14.28 -11.81 -7.63
C ARG A 101 -14.45 -12.31 -6.21
N HIS A 102 -14.82 -11.40 -5.31
CA HIS A 102 -15.14 -11.83 -3.94
C HIS A 102 -16.37 -11.09 -3.46
N LEU A 103 -17.19 -11.84 -2.74
CA LEU A 103 -18.33 -11.26 -1.98
C LEU A 103 -17.60 -10.86 -0.69
N VAL A 104 -17.84 -9.64 -0.20
CA VAL A 104 -17.12 -9.16 0.99
C VAL A 104 -18.06 -8.82 2.13
N LEU A 105 -17.83 -9.41 3.31
CA LEU A 105 -18.60 -9.09 4.51
C LEU A 105 -17.64 -8.27 5.37
N ALA A 106 -18.14 -7.21 6.00
CA ALA A 106 -17.25 -6.37 6.79
C ALA A 106 -17.96 -5.75 7.97
N CYS A 107 -17.14 -5.31 8.92
CA CYS A 107 -17.60 -4.54 10.09
C CYS A 107 -16.39 -3.82 10.67
N HIS A 108 -16.57 -3.00 11.70
CA HIS A 108 -15.41 -2.40 12.33
C HIS A 108 -15.16 -3.11 13.68
N TYR A 109 -13.89 -3.35 14.04
CA TYR A 109 -13.61 -4.03 15.31
C TYR A 109 -13.10 -3.10 16.43
N ASP A 110 -12.81 -1.84 16.11
CA ASP A 110 -12.42 -0.89 17.16
C ASP A 110 -13.67 -0.50 17.94
N SER A 111 -13.47 -0.03 19.17
CA SER A 111 -14.59 0.52 19.94
C SER A 111 -14.23 1.99 20.14
N LYS A 112 -15.26 2.82 20.22
CA LYS A 112 -15.07 4.28 20.38
C LYS A 112 -14.38 4.63 21.70
N TYR A 113 -13.41 5.53 21.60
CA TYR A 113 -12.69 5.95 22.79
C TYR A 113 -13.50 6.84 23.75
N PHE A 114 -13.49 6.46 25.02
CA PHE A 114 -14.14 7.24 26.09
C PHE A 114 -13.25 7.08 27.33
N SER A 115 -13.04 8.14 28.07
CA SER A 115 -12.26 7.99 29.32
C SER A 115 -13.23 7.21 30.26
N HIS A 116 -12.72 6.41 31.20
CA HIS A 116 -13.66 5.67 32.06
C HIS A 116 -14.52 6.62 32.87
N TRP A 117 -15.82 6.35 32.90
CA TRP A 117 -16.74 7.23 33.61
C TRP A 117 -17.50 6.47 34.68
N ASN A 118 -17.18 6.78 35.93
CA ASN A 118 -17.86 6.13 37.04
C ASN A 118 -17.71 4.62 36.99
N ASN A 119 -16.47 4.19 36.80
CA ASN A 119 -16.11 2.78 36.73
C ASN A 119 -16.74 2.01 35.58
N ARG A 120 -17.28 2.73 34.60
CA ARG A 120 -17.85 2.04 33.44
C ARG A 120 -16.93 2.25 32.25
N VAL A 121 -16.90 1.24 31.38
CA VAL A 121 -16.06 1.28 30.20
C VAL A 121 -16.93 1.01 28.96
N PHE A 122 -16.67 1.71 27.87
CA PHE A 122 -17.45 1.51 26.65
C PHE A 122 -16.95 0.30 25.85
N VAL A 123 -17.81 -0.68 25.68
CA VAL A 123 -17.40 -1.86 24.91
C VAL A 123 -18.10 -2.01 23.58
N GLY A 124 -18.97 -1.08 23.22
CA GLY A 124 -19.59 -1.18 21.89
C GLY A 124 -20.14 -2.55 21.54
N ALA A 125 -21.09 -3.05 22.33
CA ALA A 125 -21.62 -4.38 22.07
C ALA A 125 -22.27 -4.51 20.70
N THR A 126 -23.17 -3.57 20.36
CA THR A 126 -23.79 -3.63 19.04
C THR A 126 -22.86 -2.92 18.03
N ASP A 127 -21.90 -2.18 18.56
CA ASP A 127 -21.07 -1.26 17.78
C ASP A 127 -19.55 -1.46 18.00
N SER A 128 -18.94 -2.48 17.35
CA SER A 128 -19.67 -3.49 16.57
C SER A 128 -19.17 -4.89 16.96
N ALA A 129 -19.14 -5.16 18.26
CA ALA A 129 -18.68 -6.50 18.70
C ALA A 129 -19.59 -7.58 18.17
N VAL A 130 -20.92 -7.33 18.14
CA VAL A 130 -21.84 -8.35 17.64
C VAL A 130 -21.57 -8.60 16.15
N PRO A 131 -21.51 -7.56 15.31
CA PRO A 131 -21.21 -7.80 13.90
C PRO A 131 -19.91 -8.65 13.77
N CYS A 132 -18.88 -8.33 14.56
CA CYS A 132 -17.62 -9.13 14.47
C CYS A 132 -17.90 -10.58 14.76
N ALA A 133 -18.62 -10.82 15.85
CA ALA A 133 -18.93 -12.20 16.26
C ALA A 133 -19.82 -12.91 15.24
N MET A 134 -20.72 -12.17 14.57
CA MET A 134 -21.57 -12.77 13.56
C MET A 134 -20.71 -13.24 12.36
N MET A 135 -19.71 -12.44 12.00
CA MET A 135 -18.86 -12.84 10.88
C MET A 135 -18.03 -14.07 11.27
N LEU A 136 -17.57 -14.11 12.53
CA LEU A 136 -16.79 -15.27 12.99
C LEU A 136 -17.66 -16.49 13.06
N GLU A 137 -18.89 -16.34 13.55
CA GLU A 137 -19.80 -17.49 13.61
C GLU A 137 -20.19 -17.96 12.22
N LEU A 138 -20.29 -17.04 11.25
CA LEU A 138 -20.64 -17.46 9.89
C LEU A 138 -19.47 -18.31 9.32
N ALA A 139 -18.25 -17.86 9.58
CA ALA A 139 -17.08 -18.58 9.06
C ALA A 139 -17.06 -19.97 9.70
N ARG A 140 -17.39 -20.05 10.99
CA ARG A 140 -17.40 -21.35 11.67
C ARG A 140 -18.53 -22.24 11.19
N ALA A 141 -19.77 -21.72 11.19
CA ALA A 141 -20.93 -22.52 10.80
C ALA A 141 -20.86 -23.04 9.38
N LEU A 142 -20.30 -22.23 8.50
CA LEU A 142 -20.21 -22.62 7.09
C LEU A 142 -18.85 -23.21 6.69
N ASP A 143 -18.04 -23.53 7.68
CA ASP A 143 -16.68 -24.02 7.41
C ASP A 143 -16.61 -25.19 6.42
N LYS A 144 -17.42 -26.21 6.63
CA LYS A 144 -17.33 -27.34 5.68
C LYS A 144 -17.66 -26.94 4.26
N LYS A 145 -18.68 -26.11 4.10
CA LYS A 145 -19.04 -25.65 2.76
C LYS A 145 -17.97 -24.75 2.17
N LEU A 146 -17.43 -23.86 3.00
CA LEU A 146 -16.40 -22.97 2.52
C LEU A 146 -15.10 -23.71 2.15
N LEU A 147 -14.83 -24.82 2.84
CA LEU A 147 -13.62 -25.62 2.57
C LEU A 147 -13.68 -26.14 1.13
N SER A 148 -14.89 -26.31 0.60
CA SER A 148 -15.02 -26.80 -0.78
C SER A 148 -14.54 -25.81 -1.83
N LEU A 149 -14.37 -24.53 -1.45
CA LEU A 149 -13.89 -23.55 -2.41
C LEU A 149 -12.38 -23.66 -2.65
N LYS A 150 -11.70 -24.45 -1.82
CA LYS A 150 -10.24 -24.63 -1.90
C LYS A 150 -9.87 -25.23 -3.25
N PRO A 157 -17.59 -19.64 -12.42
CA PRO A 157 -17.80 -18.77 -11.23
C PRO A 157 -16.51 -18.55 -10.40
N ASP A 158 -15.59 -17.69 -10.89
CA ASP A 158 -14.32 -17.38 -10.21
C ASP A 158 -14.62 -16.37 -9.09
N LEU A 159 -15.34 -16.85 -8.10
CA LEU A 159 -15.89 -16.04 -7.02
C LEU A 159 -15.73 -16.73 -5.66
N SER A 160 -15.24 -15.97 -4.67
CA SER A 160 -15.06 -16.53 -3.35
C SER A 160 -15.49 -15.52 -2.28
N LEU A 161 -14.99 -15.71 -1.07
CA LEU A 161 -15.43 -14.87 0.08
C LEU A 161 -14.30 -14.17 0.76
N GLN A 162 -14.55 -12.94 1.26
CA GLN A 162 -13.55 -12.18 2.01
C GLN A 162 -14.26 -11.51 3.18
N LEU A 163 -13.58 -11.48 4.31
CA LEU A 163 -14.10 -10.76 5.51
C LEU A 163 -13.12 -9.63 5.79
N ILE A 164 -13.65 -8.44 6.10
CA ILE A 164 -12.77 -7.35 6.48
C ILE A 164 -13.23 -6.81 7.84
N PHE A 165 -12.30 -6.72 8.80
CA PHE A 165 -12.60 -6.11 10.11
C PHE A 165 -11.79 -4.80 10.13
N PHE A 166 -12.49 -3.68 9.99
CA PHE A 166 -11.84 -2.36 9.94
C PHE A 166 -11.45 -1.81 11.30
N ASP A 167 -10.26 -1.23 11.37
CA ASP A 167 -9.85 -0.55 12.60
C ASP A 167 -10.25 0.92 12.38
N GLY A 168 -10.32 1.65 13.48
CA GLY A 168 -10.56 3.08 13.41
C GLY A 168 -11.79 3.61 12.70
N GLU A 169 -12.91 2.91 12.80
CA GLU A 169 -14.10 3.44 12.16
C GLU A 169 -14.54 4.68 12.94
N GLU A 170 -14.38 4.62 14.26
CA GLU A 170 -14.88 5.73 15.09
C GLU A 170 -14.00 6.95 15.14
N ALA A 171 -14.63 8.11 15.37
CA ALA A 171 -13.88 9.32 15.58
C ALA A 171 -13.25 9.23 16.98
N PHE A 172 -12.06 9.83 17.14
CA PHE A 172 -11.44 9.90 18.46
C PHE A 172 -12.17 10.96 19.27
N LEU A 173 -12.71 11.98 18.60
CA LEU A 173 -13.52 13.03 19.27
C LEU A 173 -14.98 12.83 18.86
N HIS A 174 -15.64 13.84 18.31
CA HIS A 174 -16.99 13.64 17.79
C HIS A 174 -16.74 13.54 16.26
N TRP A 175 -17.61 12.84 15.53
CA TRP A 175 -17.40 12.70 14.08
C TRP A 175 -17.04 13.99 13.34
N SER A 176 -16.14 13.84 12.38
CA SER A 176 -15.79 14.94 11.51
C SER A 176 -15.19 14.18 10.32
N PRO A 177 -15.14 14.82 9.15
CA PRO A 177 -14.58 14.19 7.93
C PRO A 177 -13.19 13.65 8.07
N GLN A 178 -12.33 14.34 8.81
CA GLN A 178 -10.96 13.89 8.97
C GLN A 178 -10.78 12.94 10.14
N ASP A 179 -11.69 12.99 11.09
CA ASP A 179 -11.55 12.13 12.27
C ASP A 179 -12.66 11.09 12.26
N SER A 180 -12.45 10.05 11.45
CA SER A 180 -13.40 8.94 11.35
C SER A 180 -12.95 8.08 10.18
N LEU A 181 -13.44 6.86 10.14
CA LEU A 181 -13.17 5.94 9.02
C LEU A 181 -11.69 5.81 8.65
N TYR A 182 -10.83 5.74 9.64
CA TYR A 182 -9.39 5.65 9.33
C TYR A 182 -9.05 4.40 8.52
N GLY A 183 -9.52 3.26 9.01
CA GLY A 183 -9.22 1.98 8.37
C GLY A 183 -9.81 1.80 7.00
N SER A 184 -11.08 2.17 6.86
CA SER A 184 -11.73 2.01 5.54
C SER A 184 -11.23 3.01 4.52
N ARG A 185 -10.94 4.24 4.92
CA ARG A 185 -10.42 5.19 3.92
C ARG A 185 -9.07 4.66 3.42
N HIS A 186 -8.25 4.16 4.33
CA HIS A 186 -6.96 3.65 3.92
C HIS A 186 -7.09 2.41 3.03
N LEU A 187 -7.91 1.45 3.44
CA LEU A 187 -7.97 0.20 2.69
C LEU A 187 -8.64 0.40 1.36
N ALA A 188 -9.68 1.23 1.29
CA ALA A 188 -10.33 1.48 -0.03
C ALA A 188 -9.32 2.07 -1.02
N ALA A 189 -8.49 3.00 -0.55
CA ALA A 189 -7.50 3.61 -1.45
C ALA A 189 -6.44 2.57 -1.84
N LYS A 190 -6.06 1.72 -0.89
CA LYS A 190 -5.05 0.71 -1.17
C LYS A 190 -5.62 -0.29 -2.20
N MET A 191 -6.84 -0.76 -1.98
CA MET A 191 -7.43 -1.73 -2.92
C MET A 191 -7.65 -1.13 -4.30
N ALA A 192 -8.02 0.16 -4.35
CA ALA A 192 -8.27 0.83 -5.62
C ALA A 192 -6.99 0.94 -6.42
N SER A 193 -5.84 0.92 -5.74
CA SER A 193 -4.56 1.08 -6.43
C SER A 193 -3.76 -0.20 -6.52
N THR A 194 -4.41 -1.34 -6.27
CA THR A 194 -3.77 -2.65 -6.35
C THR A 194 -4.33 -3.46 -7.52
N PRO A 195 -3.48 -3.77 -8.53
CA PRO A 195 -4.05 -4.56 -9.63
C PRO A 195 -4.58 -5.90 -9.18
N HIS A 196 -5.65 -6.34 -9.81
CA HIS A 196 -6.25 -7.62 -9.50
C HIS A 196 -7.01 -8.15 -10.71
N PRO A 197 -6.83 -9.45 -11.01
CA PRO A 197 -5.99 -10.41 -10.32
C PRO A 197 -4.50 -10.06 -10.55
N PRO A 198 -3.57 -10.71 -9.85
CA PRO A 198 -2.13 -10.45 -10.01
C PRO A 198 -1.76 -10.39 -11.49
N GLY A 199 -1.03 -9.35 -11.88
CA GLY A 199 -0.61 -9.19 -13.25
C GLY A 199 -1.54 -8.40 -14.14
N ALA A 200 -2.72 -8.02 -13.62
CA ALA A 200 -3.66 -7.30 -14.44
C ALA A 200 -3.15 -5.93 -14.87
N ARG A 201 -3.56 -5.53 -16.06
CA ARG A 201 -3.15 -4.25 -16.61
C ARG A 201 -4.04 -3.08 -16.21
N GLY A 202 -5.34 -3.33 -16.03
CA GLY A 202 -6.24 -2.21 -15.82
C GLY A 202 -7.40 -2.39 -14.86
N THR A 203 -7.35 -3.46 -14.09
CA THR A 203 -8.41 -3.72 -13.13
C THR A 203 -7.81 -3.81 -11.72
N SER A 204 -8.59 -3.37 -10.73
CA SER A 204 -8.10 -3.34 -9.35
C SER A 204 -8.84 -4.30 -8.41
N GLN A 205 -8.37 -4.35 -7.17
CA GLN A 205 -9.04 -5.17 -6.17
C GLN A 205 -10.46 -4.64 -5.97
N LEU A 206 -10.70 -3.32 -6.17
CA LEU A 206 -12.10 -2.83 -6.04
C LEU A 206 -12.99 -3.37 -7.16
N HIS A 207 -12.46 -3.52 -8.37
CA HIS A 207 -13.30 -4.07 -9.41
C HIS A 207 -13.71 -5.51 -9.06
N GLY A 208 -12.85 -6.16 -8.28
CA GLY A 208 -13.09 -7.53 -7.83
C GLY A 208 -14.13 -7.62 -6.71
N MET A 209 -14.47 -6.51 -6.09
CA MET A 209 -15.44 -6.56 -4.97
C MET A 209 -16.84 -6.60 -5.55
N ASP A 210 -17.44 -7.78 -5.55
CA ASP A 210 -18.76 -7.94 -6.12
C ASP A 210 -19.80 -7.09 -5.39
N LEU A 211 -19.69 -7.12 -4.05
CA LEU A 211 -20.68 -6.48 -3.21
C LEU A 211 -20.05 -6.41 -1.84
N LEU A 212 -20.16 -5.24 -1.19
CA LEU A 212 -19.65 -5.06 0.15
C LEU A 212 -20.87 -5.07 1.10
N VAL A 213 -20.99 -6.11 1.92
CA VAL A 213 -22.10 -6.24 2.88
C VAL A 213 -21.51 -5.77 4.21
N LEU A 214 -21.89 -4.56 4.64
CA LEU A 214 -21.32 -3.96 5.85
C LEU A 214 -22.31 -4.06 7.00
N LEU A 215 -21.92 -4.78 8.04
CA LEU A 215 -22.76 -4.97 9.24
C LEU A 215 -22.33 -3.95 10.27
N ASP A 216 -23.31 -3.23 10.84
CA ASP A 216 -22.94 -2.22 11.87
C ASP A 216 -24.17 -2.01 12.76
N LEU A 217 -23.91 -1.86 14.07
CA LEU A 217 -24.96 -1.54 15.07
C LEU A 217 -26.04 -2.56 15.16
N ILE A 218 -25.64 -3.84 15.15
CA ILE A 218 -26.58 -4.94 15.19
C ILE A 218 -26.56 -5.57 16.57
N GLY A 219 -27.74 -5.94 17.05
CA GLY A 219 -27.81 -6.62 18.34
C GLY A 219 -28.90 -6.10 19.24
N ALA A 220 -29.48 -4.95 18.92
CA ALA A 220 -30.58 -4.42 19.73
C ALA A 220 -31.92 -5.03 19.24
N PRO A 221 -32.98 -4.89 20.04
CA PRO A 221 -34.29 -5.41 19.67
C PRO A 221 -34.92 -4.64 18.49
N ASN A 222 -35.73 -5.35 17.71
CA ASN A 222 -36.49 -4.73 16.63
C ASN A 222 -35.77 -3.85 15.65
N PRO A 223 -34.64 -4.31 15.10
CA PRO A 223 -33.94 -3.48 14.11
C PRO A 223 -34.75 -3.37 12.80
N THR A 224 -34.65 -2.22 12.13
CA THR A 224 -35.26 -2.11 10.82
C THR A 224 -34.16 -1.60 9.90
N PHE A 225 -33.83 -2.40 8.88
CA PHE A 225 -32.76 -2.05 7.91
C PHE A 225 -33.39 -1.50 6.63
N PRO A 226 -33.04 -0.26 6.27
CA PRO A 226 -33.59 0.35 5.05
C PRO A 226 -32.87 -0.22 3.82
N ASN A 227 -33.54 -0.13 2.68
CA ASN A 227 -32.95 -0.55 1.38
C ASN A 227 -32.31 0.76 0.83
N PHE A 228 -31.06 0.99 1.17
CA PHE A 228 -30.39 2.24 0.84
C PHE A 228 -30.05 2.55 -0.60
N PHE A 229 -29.65 1.54 -1.37
CA PHE A 229 -29.07 1.82 -2.69
C PHE A 229 -29.70 1.07 -3.82
N PRO A 230 -30.02 1.77 -4.93
CA PRO A 230 -30.65 1.07 -6.04
C PRO A 230 -29.80 -0.02 -6.66
N ASN A 231 -28.49 0.16 -6.63
CA ASN A 231 -27.64 -0.85 -7.27
C ASN A 231 -27.43 -2.10 -6.44
N SER A 232 -28.02 -2.14 -5.25
CA SER A 232 -27.95 -3.38 -4.46
C SER A 232 -29.37 -3.77 -4.00
N ALA A 233 -30.38 -3.07 -4.49
CA ALA A 233 -31.76 -3.35 -4.10
C ALA A 233 -32.17 -4.80 -4.35
N ARG A 234 -31.68 -5.40 -5.44
CA ARG A 234 -32.06 -6.78 -5.67
C ARG A 234 -31.52 -7.74 -4.61
N TRP A 235 -30.40 -7.38 -3.99
CA TRP A 235 -29.85 -8.23 -2.95
C TRP A 235 -30.57 -7.96 -1.64
N PHE A 236 -30.99 -6.71 -1.44
CA PHE A 236 -31.80 -6.41 -0.26
C PHE A 236 -33.10 -7.25 -0.38
N GLU A 237 -33.66 -7.36 -1.60
CA GLU A 237 -34.87 -8.15 -1.78
C GLU A 237 -34.63 -9.63 -1.46
N ARG A 238 -33.42 -10.11 -1.74
CA ARG A 238 -33.09 -11.50 -1.39
C ARG A 238 -33.10 -11.65 0.13
N LEU A 239 -32.55 -10.66 0.86
CA LEU A 239 -32.58 -10.75 2.33
C LEU A 239 -34.04 -10.80 2.80
N GLN A 240 -34.91 -9.99 2.19
CA GLN A 240 -36.33 -10.03 2.56
C GLN A 240 -36.93 -11.37 2.32
N ALA A 241 -36.60 -12.00 1.19
CA ALA A 241 -37.15 -13.29 0.81
C ALA A 241 -36.66 -14.41 1.72
N ILE A 242 -35.38 -14.35 2.07
CA ILE A 242 -34.78 -15.32 2.96
C ILE A 242 -35.44 -15.19 4.35
N GLU A 243 -35.57 -13.96 4.82
CA GLU A 243 -36.21 -13.76 6.13
C GLU A 243 -37.64 -14.30 6.08
N HIS A 244 -38.34 -14.03 4.99
CA HIS A 244 -39.73 -14.46 4.89
C HIS A 244 -39.83 -15.98 4.91
N GLU A 245 -38.97 -16.64 4.11
CA GLU A 245 -39.06 -18.10 4.07
C GLU A 245 -38.59 -18.77 5.34
N LEU A 246 -37.52 -18.28 5.94
CA LEU A 246 -37.09 -18.85 7.21
C LEU A 246 -38.23 -18.67 8.22
N HIS A 247 -38.88 -17.50 8.19
CA HIS A 247 -40.02 -17.27 9.09
C HIS A 247 -41.13 -18.31 8.86
N GLU A 248 -41.53 -18.49 7.61
CA GLU A 248 -42.64 -19.41 7.27
C GLU A 248 -42.35 -20.86 7.62
N LEU A 249 -41.08 -21.26 7.59
CA LEU A 249 -40.65 -22.62 7.90
C LEU A 249 -40.50 -22.82 9.40
N GLY A 250 -40.80 -21.76 10.16
CA GLY A 250 -40.68 -21.84 11.61
C GLY A 250 -39.26 -21.95 12.13
N LEU A 251 -38.33 -21.35 11.40
CA LEU A 251 -36.92 -21.41 11.73
C LEU A 251 -36.34 -20.18 12.43
N LEU A 252 -37.19 -19.17 12.67
CA LEU A 252 -36.75 -17.97 13.40
C LEU A 252 -37.40 -18.04 14.80
N LYS A 253 -36.80 -17.32 15.74
CA LYS A 253 -37.27 -17.27 17.12
C LYS A 253 -37.85 -15.89 17.49
N ASP A 254 -39.01 -15.88 18.15
CA ASP A 254 -39.67 -14.64 18.63
C ASP A 254 -39.67 -13.63 17.48
N HIS A 255 -40.25 -14.06 16.36
CA HIS A 255 -40.23 -13.24 15.13
C HIS A 255 -41.59 -13.17 14.45
N SER A 256 -41.98 -11.99 14.01
CA SER A 256 -43.23 -11.86 13.27
C SER A 256 -42.96 -11.08 11.96
N LEU A 257 -43.79 -11.28 10.96
CA LEU A 257 -43.59 -10.53 9.71
C LEU A 257 -43.90 -9.05 9.92
N GLU A 258 -44.90 -8.72 10.74
CA GLU A 258 -45.14 -7.31 11.04
C GLU A 258 -43.89 -6.67 11.65
N GLY A 259 -43.13 -7.44 12.45
CA GLY A 259 -41.91 -6.92 13.03
C GLY A 259 -40.65 -7.39 12.31
N ARG A 260 -40.75 -7.57 10.99
CA ARG A 260 -39.58 -8.07 10.23
C ARG A 260 -38.47 -7.04 10.21
N TYR A 261 -37.26 -7.53 9.95
CA TYR A 261 -36.11 -6.67 9.95
C TYR A 261 -35.87 -5.94 8.62
N PHE A 262 -36.21 -6.59 7.51
CA PHE A 262 -35.95 -5.99 6.21
C PHE A 262 -37.26 -5.51 5.64
N GLN A 263 -37.54 -4.23 5.84
CA GLN A 263 -38.82 -3.74 5.40
C GLN A 263 -38.75 -3.04 4.09
N ASN A 264 -39.90 -2.75 3.53
CA ASN A 264 -39.95 -2.06 2.27
C ASN A 264 -39.89 -0.59 2.57
N TYR A 265 -38.69 -0.03 2.46
CA TYR A 265 -38.49 1.40 2.68
C TYR A 265 -37.05 1.80 2.43
N SER A 266 -36.91 2.91 1.73
CA SER A 266 -35.61 3.42 1.40
C SER A 266 -35.23 4.42 2.47
N TYR A 267 -34.12 5.08 2.24
CA TYR A 267 -33.63 6.06 3.16
C TYR A 267 -32.73 6.93 2.28
N GLY A 268 -33.27 8.06 1.83
CA GLY A 268 -32.55 8.95 0.95
C GLY A 268 -31.29 9.60 1.52
N GLY A 269 -31.25 9.76 2.84
CA GLY A 269 -30.11 10.39 3.48
C GLY A 269 -28.82 9.60 3.36
N VAL A 270 -27.75 10.18 3.88
CA VAL A 270 -26.47 9.52 3.82
C VAL A 270 -26.06 9.17 5.24
N ILE A 271 -25.58 7.96 5.46
CA ILE A 271 -25.11 7.62 6.79
C ILE A 271 -23.60 7.45 6.58
N GLN A 272 -22.79 8.14 7.36
CA GLN A 272 -21.34 7.97 7.22
C GLN A 272 -20.95 6.68 7.92
N ASP A 273 -20.23 5.81 7.20
CA ASP A 273 -19.77 4.56 7.78
C ASP A 273 -18.66 4.04 6.85
N ASP A 274 -18.09 2.91 7.23
CA ASP A 274 -16.98 2.29 6.49
C ASP A 274 -17.23 1.99 5.02
N HIS A 275 -18.49 1.97 4.61
CA HIS A 275 -18.74 1.70 3.19
C HIS A 275 -18.48 2.92 2.34
N ILE A 276 -18.47 4.10 2.92
CA ILE A 276 -18.34 5.33 2.13
C ILE A 276 -17.14 5.40 1.18
N PRO A 277 -15.93 5.07 1.65
CA PRO A 277 -14.76 5.15 0.75
C PRO A 277 -14.85 4.14 -0.40
N PHE A 278 -15.64 3.08 -0.21
CA PHE A 278 -15.82 2.06 -1.24
C PHE A 278 -16.91 2.48 -2.20
N LEU A 279 -18.04 2.92 -1.64
CA LEU A 279 -19.17 3.39 -2.44
C LEU A 279 -18.71 4.55 -3.35
N ARG A 280 -17.89 5.47 -2.84
CA ARG A 280 -17.49 6.61 -3.69
C ARG A 280 -16.48 6.22 -4.75
N ARG A 281 -16.03 4.97 -4.72
CA ARG A 281 -15.11 4.47 -5.74
C ARG A 281 -15.84 3.46 -6.62
N GLY A 282 -17.16 3.41 -6.49
CA GLY A 282 -17.99 2.54 -7.32
C GLY A 282 -18.33 1.12 -6.90
N VAL A 283 -18.03 0.78 -5.66
CA VAL A 283 -18.32 -0.56 -5.21
C VAL A 283 -19.79 -0.64 -4.74
N PRO A 284 -20.55 -1.68 -5.16
CA PRO A 284 -21.94 -1.83 -4.74
C PRO A 284 -21.90 -2.23 -3.24
N VAL A 285 -22.78 -1.61 -2.47
CA VAL A 285 -22.85 -1.82 -1.02
C VAL A 285 -24.23 -2.24 -0.59
N LEU A 286 -24.29 -3.23 0.30
CA LEU A 286 -25.54 -3.61 0.96
C LEU A 286 -25.18 -3.20 2.41
N HIS A 287 -25.80 -2.12 2.90
CA HIS A 287 -25.45 -1.57 4.21
C HIS A 287 -26.42 -2.04 5.27
N LEU A 288 -25.96 -3.04 6.04
CA LEU A 288 -26.78 -3.62 7.09
C LEU A 288 -26.57 -2.90 8.40
N ILE A 289 -27.10 -1.67 8.40
CA ILE A 289 -27.11 -0.81 9.60
C ILE A 289 -28.57 -0.45 9.81
N PRO A 290 -29.06 -0.54 11.04
CA PRO A 290 -30.47 -0.21 11.25
C PRO A 290 -30.73 1.29 11.33
N SER A 291 -31.98 1.65 11.04
CA SER A 291 -32.40 3.06 11.17
C SER A 291 -33.79 3.00 11.80
N PRO A 292 -33.95 3.57 13.00
CA PRO A 292 -32.96 4.25 13.82
C PRO A 292 -31.87 3.38 14.42
N PHE A 293 -30.83 4.02 14.92
CA PHE A 293 -29.76 3.29 15.59
C PHE A 293 -30.29 2.77 16.94
N PRO A 294 -29.61 1.78 17.55
CA PRO A 294 -30.03 1.25 18.86
C PRO A 294 -30.18 2.42 19.85
N GLU A 295 -31.14 2.31 20.77
CA GLU A 295 -31.32 3.35 21.74
C GLU A 295 -30.07 3.59 22.58
N VAL A 296 -29.28 2.54 22.81
CA VAL A 296 -28.05 2.67 23.62
C VAL A 296 -26.84 3.20 22.85
N TRP A 297 -27.04 3.59 21.58
CA TRP A 297 -25.94 4.08 20.75
C TRP A 297 -25.01 5.11 21.42
N HIS A 298 -23.73 4.79 21.43
CA HIS A 298 -22.68 5.65 22.00
C HIS A 298 -22.88 6.02 23.47
N THR A 299 -23.42 5.06 24.17
CA THR A 299 -23.70 5.16 25.57
C THR A 299 -23.03 3.97 26.28
N MET A 300 -22.71 4.09 27.58
CA MET A 300 -22.15 2.94 28.30
C MET A 300 -23.13 1.77 28.39
N ASP A 301 -24.40 2.03 28.09
CA ASP A 301 -25.37 0.97 28.09
C ASP A 301 -25.30 0.11 26.81
N ASP A 302 -24.39 0.41 25.88
CA ASP A 302 -24.29 -0.47 24.68
C ASP A 302 -23.42 -1.62 25.14
N ASN A 303 -24.05 -2.50 25.91
CA ASN A 303 -23.38 -3.60 26.54
C ASN A 303 -24.05 -4.96 26.30
N GLU A 304 -23.51 -6.02 26.92
CA GLU A 304 -24.04 -7.35 26.76
C GLU A 304 -25.47 -7.52 27.21
N GLU A 305 -25.80 -6.90 28.35
CA GLU A 305 -27.13 -7.04 28.90
C GLU A 305 -28.23 -6.52 27.97
N ASN A 306 -27.91 -5.49 27.16
CA ASN A 306 -28.93 -4.94 26.29
C ASN A 306 -29.02 -5.58 24.91
N LEU A 307 -28.22 -6.64 24.69
CA LEU A 307 -28.30 -7.35 23.41
C LEU A 307 -29.53 -8.27 23.42
N ASP A 308 -30.06 -8.51 22.22
CA ASP A 308 -31.25 -9.35 22.01
C ASP A 308 -30.77 -10.61 21.30
N GLU A 309 -30.62 -11.66 22.11
CA GLU A 309 -30.09 -12.92 21.60
C GLU A 309 -30.84 -13.53 20.41
N SER A 310 -32.15 -13.61 20.51
CA SER A 310 -32.88 -14.23 19.42
C SER A 310 -32.81 -13.43 18.13
N THR A 311 -32.74 -12.10 18.25
CA THR A 311 -32.65 -11.28 17.02
C THR A 311 -31.30 -11.55 16.31
N ILE A 312 -30.23 -11.63 17.10
CA ILE A 312 -28.90 -11.90 16.54
C ILE A 312 -28.91 -13.32 15.91
N ASP A 313 -29.50 -14.29 16.62
CA ASP A 313 -29.59 -15.67 16.09
C ASP A 313 -30.30 -15.66 14.75
N ASN A 314 -31.45 -14.98 14.68
CA ASN A 314 -32.23 -14.91 13.44
C ASN A 314 -31.40 -14.27 12.32
N LEU A 315 -30.71 -13.18 12.62
CA LEU A 315 -29.89 -12.48 11.61
C LEU A 315 -28.73 -13.38 11.19
N ASN A 316 -28.20 -14.20 12.09
CA ASN A 316 -27.10 -15.11 11.71
C ASN A 316 -27.64 -16.09 10.65
N LYS A 317 -28.84 -16.60 10.89
CA LYS A 317 -29.41 -17.54 9.92
C LYS A 317 -29.65 -16.88 8.59
N ILE A 318 -30.21 -15.66 8.62
CA ILE A 318 -30.48 -14.99 7.37
C ILE A 318 -29.19 -14.69 6.58
N LEU A 319 -28.17 -14.21 7.26
CA LEU A 319 -26.91 -13.85 6.63
C LEU A 319 -26.20 -15.10 6.08
N GLN A 320 -26.20 -16.17 6.86
CA GLN A 320 -25.56 -17.38 6.37
C GLN A 320 -26.27 -17.93 5.13
N VAL A 321 -27.60 -17.94 5.09
CA VAL A 321 -28.27 -18.38 3.88
C VAL A 321 -27.90 -17.42 2.72
N PHE A 322 -27.90 -16.10 2.98
CA PHE A 322 -27.54 -15.16 1.92
C PHE A 322 -26.18 -15.45 1.32
N VAL A 323 -25.21 -15.71 2.17
CA VAL A 323 -23.84 -15.95 1.69
C VAL A 323 -23.78 -17.26 0.90
N LEU A 324 -24.43 -18.32 1.41
CA LEU A 324 -24.39 -19.57 0.65
C LEU A 324 -25.07 -19.42 -0.69
N GLU A 325 -26.21 -18.75 -0.75
CA GLU A 325 -26.89 -18.56 -2.01
C GLU A 325 -26.06 -17.73 -2.99
N TYR A 326 -25.34 -16.73 -2.48
CA TYR A 326 -24.55 -15.89 -3.35
C TYR A 326 -23.38 -16.69 -3.94
N LEU A 327 -22.75 -17.51 -3.10
CA LEU A 327 -21.59 -18.28 -3.53
C LEU A 327 -21.95 -19.58 -4.23
N HIS A 328 -23.23 -19.93 -4.30
CA HIS A 328 -23.70 -21.19 -4.92
C HIS A 328 -23.15 -22.38 -4.16
N LEU A 329 -23.22 -22.30 -2.83
CA LEU A 329 -22.76 -23.38 -1.96
C LEU A 329 -23.90 -24.03 -1.19
N ALA B 1 8.15 10.28 20.96
CA ALA B 1 9.22 11.33 20.99
C ALA B 1 10.55 10.70 20.67
N SER B 2 10.59 9.96 19.56
CA SER B 2 11.81 9.30 19.13
C SER B 2 12.88 10.27 18.68
N ALA B 3 14.10 10.00 19.10
CA ALA B 3 15.21 10.86 18.74
C ALA B 3 15.84 10.48 17.40
N TRP B 4 15.70 9.22 16.99
CA TRP B 4 16.35 8.83 15.75
C TRP B 4 16.04 9.61 14.47
N PRO B 5 14.82 10.14 14.31
CA PRO B 5 14.59 10.89 13.06
C PRO B 5 15.41 12.16 12.96
N GLU B 6 16.02 12.56 14.07
CA GLU B 6 16.82 13.78 14.07
C GLU B 6 18.28 13.53 13.77
N GLU B 7 18.71 12.28 13.89
CA GLU B 7 20.10 11.95 13.69
C GLU B 7 20.65 12.44 12.34
N LYS B 8 19.81 12.51 11.31
CA LYS B 8 20.29 13.00 10.01
C LYS B 8 20.85 14.42 10.07
N ASN B 9 20.33 15.25 10.97
CA ASN B 9 20.83 16.61 11.08
C ASN B 9 22.28 16.66 11.55
N TYR B 10 22.71 15.67 12.34
CA TYR B 10 24.06 15.66 12.89
C TYR B 10 25.00 14.65 12.25
N HIS B 11 24.51 13.88 11.29
CA HIS B 11 25.35 12.86 10.69
C HIS B 11 26.54 13.45 9.94
N GLN B 12 27.71 12.86 10.15
CA GLN B 12 28.93 13.30 9.51
C GLN B 12 29.55 12.16 8.73
N PRO B 13 30.25 12.47 7.62
CA PRO B 13 30.88 11.39 6.85
C PRO B 13 32.19 10.96 7.52
N ALA B 14 32.63 9.74 7.20
CA ALA B 14 33.90 9.18 7.66
C ALA B 14 34.72 9.20 6.36
N ILE B 15 35.48 10.29 6.19
CA ILE B 15 36.26 10.53 4.99
C ILE B 15 37.36 9.50 4.68
N LEU B 16 37.45 9.12 3.40
CA LEU B 16 38.43 8.13 2.97
C LEU B 16 39.78 8.77 2.74
N ASN B 17 40.85 8.06 3.10
CA ASN B 17 42.20 8.60 2.88
C ASN B 17 42.64 8.27 1.46
N SER B 18 43.73 8.91 1.03
CA SER B 18 44.30 8.73 -0.31
C SER B 18 44.33 7.29 -0.76
N SER B 19 44.77 6.39 0.11
CA SER B 19 44.88 4.98 -0.21
C SER B 19 43.53 4.31 -0.45
N ALA B 20 42.55 4.66 0.39
CA ALA B 20 41.21 4.09 0.25
C ALA B 20 40.62 4.60 -1.06
N LEU B 21 40.88 5.86 -1.38
CA LEU B 21 40.38 6.44 -2.61
C LEU B 21 40.94 5.70 -3.82
N ARG B 22 42.21 5.28 -3.75
CA ARG B 22 42.80 4.56 -4.87
C ARG B 22 42.09 3.21 -4.99
N GLN B 23 41.80 2.60 -3.84
CA GLN B 23 41.14 1.31 -3.80
C GLN B 23 39.78 1.42 -4.52
N ILE B 24 39.06 2.49 -4.23
CA ILE B 24 37.74 2.66 -4.83
C ILE B 24 37.83 2.90 -6.32
N ALA B 25 38.73 3.80 -6.73
CA ALA B 25 38.90 4.10 -8.15
C ALA B 25 39.22 2.85 -8.94
N GLU B 26 39.96 1.93 -8.34
CA GLU B 26 40.34 0.68 -8.99
C GLU B 26 39.31 -0.43 -8.84
N GLY B 27 38.39 -0.26 -7.90
CA GLY B 27 37.40 -1.30 -7.66
C GLY B 27 36.20 -1.28 -8.59
N THR B 28 36.06 -0.20 -9.34
CA THR B 28 34.93 -0.08 -10.27
C THR B 28 35.38 -0.22 -11.73
N SER B 29 34.57 -0.91 -12.52
CA SER B 29 34.90 -1.14 -13.92
C SER B 29 33.81 -0.62 -14.85
N ILE B 30 34.12 0.47 -15.55
CA ILE B 30 33.17 1.09 -16.47
C ILE B 30 32.83 0.13 -17.63
N SER B 31 33.79 -0.70 -18.04
CA SER B 31 33.49 -1.63 -19.14
C SER B 31 32.57 -2.76 -18.70
N GLU B 32 32.72 -3.25 -17.46
CA GLU B 32 31.88 -4.30 -16.97
C GLU B 32 30.46 -3.72 -16.77
N MET B 33 30.39 -2.48 -16.30
CA MET B 33 29.04 -1.89 -16.12
C MET B 33 28.38 -1.76 -17.51
N TRP B 34 29.15 -1.28 -18.49
CA TRP B 34 28.62 -1.08 -19.84
C TRP B 34 28.00 -2.35 -20.39
N GLN B 35 28.77 -3.42 -20.33
CA GLN B 35 28.28 -4.67 -20.88
C GLN B 35 27.22 -5.41 -20.07
N ASN B 36 27.42 -5.45 -18.76
CA ASN B 36 26.59 -6.27 -17.92
C ASN B 36 25.40 -5.58 -17.26
N ASP B 37 25.53 -4.27 -17.05
CA ASP B 37 24.43 -3.53 -16.41
C ASP B 37 23.70 -2.56 -17.30
N LEU B 38 24.42 -1.86 -18.17
CA LEU B 38 23.84 -0.86 -19.04
C LEU B 38 23.20 -1.36 -20.32
N GLN B 39 23.93 -2.15 -21.10
CA GLN B 39 23.37 -2.54 -22.36
C GLN B 39 22.01 -3.24 -22.32
N PRO B 40 21.74 -4.13 -21.33
CA PRO B 40 20.44 -4.79 -21.30
C PRO B 40 19.28 -3.82 -21.08
N LEU B 41 19.60 -2.64 -20.57
CA LEU B 41 18.57 -1.62 -20.30
C LEU B 41 18.31 -0.67 -21.44
N LEU B 42 19.15 -0.68 -22.48
CA LEU B 42 18.99 0.24 -23.62
C LEU B 42 17.98 -0.32 -24.59
N ILE B 43 16.76 -0.42 -24.09
CA ILE B 43 15.61 -0.97 -24.79
C ILE B 43 14.37 -0.11 -24.49
N GLU B 44 13.36 -0.21 -25.36
CA GLU B 44 12.09 0.50 -25.17
C GLU B 44 11.47 -0.12 -23.92
N ARG B 45 11.20 0.70 -22.88
CA ARG B 45 10.72 0.18 -21.62
C ARG B 45 9.73 1.12 -20.91
N TYR B 46 8.76 1.57 -21.67
CA TYR B 46 7.73 2.43 -21.07
C TYR B 46 6.84 1.56 -20.20
N PRO B 47 6.11 2.17 -19.26
CA PRO B 47 5.27 1.36 -18.37
C PRO B 47 4.30 0.42 -19.03
N GLY B 48 4.31 -0.83 -18.56
CA GLY B 48 3.43 -1.88 -19.09
C GLY B 48 3.93 -2.59 -20.33
N SER B 49 5.06 -2.13 -20.86
CA SER B 49 5.61 -2.77 -22.11
C SER B 49 6.43 -3.97 -21.70
N PRO B 50 6.74 -4.86 -22.68
CA PRO B 50 7.55 -6.01 -22.28
C PRO B 50 8.94 -5.58 -21.84
N GLY B 51 9.44 -4.45 -22.37
CA GLY B 51 10.75 -3.94 -22.01
C GLY B 51 10.73 -3.52 -20.54
N SER B 52 9.60 -3.03 -20.06
CA SER B 52 9.55 -2.66 -18.62
C SER B 52 9.77 -3.92 -17.75
N TYR B 53 9.08 -5.01 -18.08
CA TYR B 53 9.27 -6.24 -17.30
C TYR B 53 10.70 -6.77 -17.47
N ALA B 54 11.24 -6.70 -18.68
CA ALA B 54 12.60 -7.17 -18.91
C ALA B 54 13.61 -6.37 -18.08
N ALA B 55 13.42 -5.06 -18.04
CA ALA B 55 14.33 -4.20 -17.30
C ALA B 55 14.24 -4.53 -15.82
N ARG B 56 13.02 -4.71 -15.34
CA ARG B 56 12.79 -5.05 -13.92
C ARG B 56 13.47 -6.37 -13.60
N GLN B 57 13.32 -7.36 -14.47
CA GLN B 57 13.96 -8.68 -14.24
C GLN B 57 15.48 -8.53 -14.21
N HIS B 58 16.03 -7.74 -15.13
CA HIS B 58 17.46 -7.49 -15.21
C HIS B 58 17.99 -6.87 -13.91
N ILE B 59 17.31 -5.81 -13.48
CA ILE B 59 17.73 -5.11 -12.27
C ILE B 59 17.67 -6.06 -11.08
N MET B 60 16.59 -6.84 -10.98
CA MET B 60 16.44 -7.80 -9.88
C MET B 60 17.51 -8.86 -9.93
N GLN B 61 17.79 -9.38 -11.11
CA GLN B 61 18.81 -10.44 -11.23
C GLN B 61 20.23 -9.92 -10.93
N ARG B 62 20.57 -8.70 -11.35
CA ARG B 62 21.91 -8.20 -11.09
C ARG B 62 22.09 -7.95 -9.59
N ILE B 63 21.02 -7.60 -8.90
CA ILE B 63 21.15 -7.37 -7.46
C ILE B 63 21.20 -8.71 -6.71
N GLN B 64 20.35 -9.65 -7.07
CA GLN B 64 20.29 -10.96 -6.41
C GLN B 64 21.58 -11.78 -6.48
N ARG B 65 22.41 -11.53 -7.48
CA ARG B 65 23.66 -12.28 -7.62
C ARG B 65 24.78 -11.78 -6.71
N LEU B 66 24.57 -10.63 -6.08
CA LEU B 66 25.56 -10.04 -5.19
C LEU B 66 25.55 -10.73 -3.83
N GLN B 67 26.63 -10.55 -3.08
CA GLN B 67 26.71 -11.19 -1.77
C GLN B 67 25.99 -10.46 -0.64
N ALA B 68 26.00 -9.13 -0.71
CA ALA B 68 25.32 -8.35 0.32
C ALA B 68 23.87 -8.83 0.43
N ASP B 69 23.29 -8.65 1.62
CA ASP B 69 21.95 -9.15 1.91
C ASP B 69 20.82 -8.24 1.43
N TRP B 70 20.77 -7.96 0.13
CA TRP B 70 19.71 -7.11 -0.39
C TRP B 70 18.34 -7.74 -0.32
N VAL B 71 17.34 -6.94 0.08
CA VAL B 71 15.97 -7.41 0.15
C VAL B 71 15.20 -6.65 -0.93
N LEU B 72 14.66 -7.40 -1.89
CA LEU B 72 13.94 -6.78 -2.99
C LEU B 72 12.45 -6.76 -2.77
N GLU B 73 11.85 -5.61 -3.03
CA GLU B 73 10.40 -5.45 -2.93
C GLU B 73 9.92 -4.84 -4.25
N ILE B 74 8.95 -5.47 -4.90
CA ILE B 74 8.39 -4.92 -6.13
C ILE B 74 7.10 -4.26 -5.69
N ASP B 75 6.99 -2.94 -5.86
CA ASP B 75 5.83 -2.15 -5.44
C ASP B 75 4.98 -1.89 -6.69
N THR B 76 3.99 -2.76 -6.87
CA THR B 76 3.13 -2.74 -8.05
C THR B 76 1.80 -2.10 -7.70
N PHE B 77 1.42 -1.13 -8.49
CA PHE B 77 0.20 -0.38 -8.25
C PHE B 77 -0.49 0.05 -9.53
N LEU B 78 -1.74 0.44 -9.41
CA LEU B 78 -2.54 0.85 -10.53
C LEU B 78 -2.78 2.34 -10.41
N SER B 79 -2.71 3.06 -11.52
CA SER B 79 -2.96 4.47 -11.53
C SER B 79 -3.65 4.91 -12.81
N GLN B 80 -4.42 5.97 -12.72
CA GLN B 80 -5.09 6.52 -13.86
C GLN B 80 -4.07 7.28 -14.71
N THR B 81 -4.16 7.13 -16.04
CA THR B 81 -3.28 7.83 -16.97
C THR B 81 -4.16 8.39 -18.09
N PRO B 82 -3.58 9.19 -19.01
CA PRO B 82 -4.38 9.73 -20.11
C PRO B 82 -4.90 8.62 -21.01
N TYR B 83 -4.41 7.40 -20.81
CA TYR B 83 -4.84 6.25 -21.61
C TYR B 83 -5.63 5.23 -20.82
N GLY B 84 -6.08 5.62 -19.63
CA GLY B 84 -6.83 4.69 -18.82
C GLY B 84 -5.98 4.16 -17.68
N TYR B 85 -6.53 3.23 -16.92
CA TYR B 85 -5.76 2.69 -15.81
C TYR B 85 -4.62 1.85 -16.35
N ARG B 86 -3.47 1.95 -15.69
CA ARG B 86 -2.29 1.19 -16.05
C ARG B 86 -1.56 0.72 -14.80
N SER B 87 -0.84 -0.37 -14.93
CA SER B 87 -0.03 -0.93 -13.84
C SER B 87 1.40 -0.46 -13.99
N PHE B 88 2.00 -0.19 -12.83
CA PHE B 88 3.35 0.34 -12.68
C PHE B 88 4.02 -0.46 -11.58
N SER B 89 5.34 -0.62 -11.67
CA SER B 89 6.05 -1.37 -10.63
C SER B 89 7.36 -0.71 -10.21
N ASN B 90 7.40 -0.14 -8.99
CA ASN B 90 8.67 0.40 -8.50
C ASN B 90 9.51 -0.77 -8.00
N ILE B 91 10.84 -0.63 -8.11
CA ILE B 91 11.76 -1.65 -7.59
C ILE B 91 12.49 -1.04 -6.40
N ILE B 92 12.40 -1.68 -5.24
CA ILE B 92 13.08 -1.17 -4.06
C ILE B 92 14.00 -2.27 -3.57
N SER B 93 15.27 -1.94 -3.40
CA SER B 93 16.28 -2.90 -2.97
C SER B 93 16.85 -2.34 -1.69
N THR B 94 16.69 -3.06 -0.59
CA THR B 94 17.12 -2.53 0.70
C THR B 94 18.03 -3.44 1.50
N LEU B 95 19.07 -2.83 2.08
CA LEU B 95 19.95 -3.57 2.99
C LEU B 95 19.40 -3.22 4.38
N ASN B 96 19.23 -4.22 5.23
CA ASN B 96 18.72 -4.00 6.60
C ASN B 96 17.40 -3.24 6.59
N PRO B 97 16.34 -3.88 6.09
CA PRO B 97 14.99 -3.29 5.98
C PRO B 97 14.48 -2.69 7.29
N THR B 98 14.91 -3.32 8.37
CA THR B 98 14.50 -2.95 9.72
C THR B 98 15.34 -1.80 10.31
N ALA B 99 16.51 -1.56 9.75
CA ALA B 99 17.37 -0.48 10.22
C ALA B 99 16.57 0.81 10.13
N LYS B 100 16.57 1.58 11.20
CA LYS B 100 15.80 2.83 11.25
C LYS B 100 16.05 3.86 10.14
N ARG B 101 17.32 4.06 9.80
CA ARG B 101 17.68 5.06 8.80
C ARG B 101 18.33 4.44 7.56
N HIS B 102 18.11 5.08 6.42
CA HIS B 102 18.76 4.63 5.18
C HIS B 102 19.14 5.81 4.35
N LEU B 103 20.31 5.71 3.72
CA LEU B 103 20.72 6.69 2.73
C LEU B 103 20.01 6.07 1.49
N VAL B 104 19.36 6.88 0.68
CA VAL B 104 18.63 6.32 -0.47
C VAL B 104 19.19 6.88 -1.77
N LEU B 105 19.46 5.97 -2.72
CA LEU B 105 19.93 6.39 -4.05
C LEU B 105 18.77 5.96 -4.94
N ALA B 106 18.45 6.79 -5.91
CA ALA B 106 17.31 6.47 -6.78
C ALA B 106 17.47 7.03 -8.17
N CYS B 107 16.63 6.48 -9.04
CA CYS B 107 16.53 6.95 -10.43
C CYS B 107 15.26 6.36 -10.97
N HIS B 108 14.92 6.70 -12.22
CA HIS B 108 13.74 6.09 -12.82
C HIS B 108 14.20 5.05 -13.87
N TYR B 109 13.51 3.91 -13.92
CA TYR B 109 13.90 2.90 -14.92
C TYR B 109 12.97 2.82 -16.12
N ASP B 110 11.84 3.54 -16.12
CA ASP B 110 11.01 3.56 -17.32
C ASP B 110 11.67 4.43 -18.39
N SER B 111 11.27 4.21 -19.64
CA SER B 111 11.70 5.11 -20.72
C SER B 111 10.41 5.77 -21.20
N LYS B 112 10.54 7.01 -21.68
CA LYS B 112 9.38 7.79 -22.14
C LYS B 112 8.70 7.13 -23.33
N TYR B 113 7.37 7.06 -23.28
CA TYR B 113 6.59 6.52 -24.38
C TYR B 113 6.62 7.47 -25.56
N PHE B 114 7.12 6.98 -26.70
CA PHE B 114 7.17 7.77 -27.92
C PHE B 114 6.82 6.87 -29.12
N SER B 115 6.28 7.45 -30.16
CA SER B 115 6.03 6.68 -31.37
C SER B 115 7.43 6.44 -31.92
N HIS B 116 7.56 5.55 -32.91
CA HIS B 116 8.88 5.31 -33.45
C HIS B 116 9.29 6.29 -34.56
N TRP B 117 9.58 7.51 -34.15
CA TRP B 117 9.93 8.56 -35.10
C TRP B 117 11.11 8.20 -36.02
N ASN B 118 10.93 8.37 -37.34
CA ASN B 118 12.00 8.04 -38.29
C ASN B 118 12.46 6.61 -38.12
N ASN B 119 11.54 5.77 -37.68
CA ASN B 119 11.79 4.36 -37.47
C ASN B 119 12.91 4.09 -36.46
N ARG B 120 12.98 4.98 -35.48
CA ARG B 120 13.95 4.83 -34.40
C ARG B 120 13.11 4.62 -33.14
N VAL B 121 13.74 4.05 -32.12
CA VAL B 121 13.08 3.76 -30.85
C VAL B 121 13.78 4.53 -29.73
N PHE B 122 12.98 5.20 -28.89
CA PHE B 122 13.56 5.94 -27.79
C PHE B 122 13.93 5.02 -26.62
N VAL B 123 15.20 5.08 -26.22
CA VAL B 123 15.68 4.24 -25.15
C VAL B 123 16.21 5.03 -23.97
N GLY B 124 16.19 6.34 -24.06
CA GLY B 124 16.60 7.13 -22.88
C GLY B 124 17.90 6.66 -22.25
N ALA B 125 18.99 6.73 -23.01
CA ALA B 125 20.27 6.30 -22.45
C ALA B 125 20.72 7.09 -21.22
N THR B 126 20.66 8.43 -21.27
CA THR B 126 21.00 9.21 -20.07
C THR B 126 19.73 9.33 -19.20
N ASP B 127 18.58 8.98 -19.78
CA ASP B 127 17.27 9.23 -19.16
C ASP B 127 16.41 7.97 -19.04
N SER B 128 16.70 7.07 -18.10
CA SER B 128 17.82 7.16 -17.18
C SER B 128 18.49 5.79 -17.07
N ALA B 129 18.80 5.22 -18.24
CA ALA B 129 19.45 3.90 -18.23
C ALA B 129 20.81 3.98 -17.54
N VAL B 130 21.56 5.05 -17.82
CA VAL B 130 22.88 5.18 -17.21
C VAL B 130 22.76 5.28 -15.69
N PRO B 131 21.89 6.17 -15.17
CA PRO B 131 21.75 6.21 -13.70
C PRO B 131 21.42 4.79 -13.14
N CYS B 132 20.55 4.03 -13.82
CA CYS B 132 20.23 2.68 -13.37
C CYS B 132 21.48 1.81 -13.26
N ALA B 133 22.26 1.86 -14.33
CA ALA B 133 23.49 1.09 -14.42
C ALA B 133 24.53 1.53 -13.40
N MET B 134 24.56 2.81 -13.10
CA MET B 134 25.48 3.37 -12.09
C MET B 134 25.09 2.80 -10.71
N MET B 135 23.80 2.75 -10.41
CA MET B 135 23.40 2.18 -9.11
C MET B 135 23.75 0.70 -9.02
N LEU B 136 23.56 -0.03 -10.11
CA LEU B 136 23.88 -1.45 -10.12
C LEU B 136 25.40 -1.68 -10.00
N GLU B 137 26.19 -0.83 -10.66
CA GLU B 137 27.66 -0.96 -10.59
C GLU B 137 28.12 -0.59 -9.18
N LEU B 138 27.45 0.36 -8.54
CA LEU B 138 27.82 0.74 -7.18
C LEU B 138 27.56 -0.46 -6.27
N ALA B 139 26.40 -1.10 -6.39
CA ALA B 139 26.08 -2.26 -5.58
C ALA B 139 27.13 -3.36 -5.80
N ARG B 140 27.55 -3.54 -7.06
CA ARG B 140 28.53 -4.58 -7.34
C ARG B 140 29.93 -4.22 -6.81
N ALA B 141 30.39 -3.00 -7.10
CA ALA B 141 31.74 -2.57 -6.72
C ALA B 141 31.95 -2.50 -5.22
N LEU B 142 30.90 -2.14 -4.50
CA LEU B 142 30.99 -2.02 -3.04
C LEU B 142 30.45 -3.22 -2.30
N ASP B 143 30.19 -4.31 -3.02
CA ASP B 143 29.60 -5.50 -2.46
C ASP B 143 30.25 -6.04 -1.18
N LYS B 144 31.57 -6.22 -1.20
CA LYS B 144 32.25 -6.74 -0.02
C LYS B 144 32.04 -5.83 1.17
N LYS B 145 32.17 -4.53 0.97
CA LYS B 145 31.95 -3.60 2.07
C LYS B 145 30.48 -3.58 2.55
N LEU B 146 29.54 -3.64 1.61
CA LEU B 146 28.13 -3.62 1.98
C LEU B 146 27.69 -4.92 2.67
N LEU B 147 28.37 -6.01 2.36
CA LEU B 147 28.07 -7.29 2.98
C LEU B 147 28.30 -7.20 4.50
N SER B 148 29.21 -6.31 4.91
CA SER B 148 29.51 -6.13 6.33
C SER B 148 28.37 -5.50 7.11
N LEU B 149 27.36 -5.00 6.41
CA LEU B 149 26.21 -4.37 7.06
C LEU B 149 25.23 -5.43 7.56
N LYS B 150 25.40 -6.67 7.10
CA LYS B 150 24.51 -7.74 7.50
C LYS B 150 24.66 -8.00 8.99
N PRO B 157 24.03 4.75 14.42
CA PRO B 157 24.70 3.89 13.42
C PRO B 157 23.73 2.84 12.87
N ASP B 158 22.45 2.94 13.22
CA ASP B 158 21.47 2.01 12.69
C ASP B 158 21.07 2.70 11.39
N LEU B 159 22.03 2.70 10.47
CA LEU B 159 21.91 3.34 9.17
C LEU B 159 22.38 2.39 8.09
N SER B 160 21.62 2.26 7.00
CA SER B 160 22.06 1.37 5.93
C SER B 160 21.72 2.01 4.58
N LEU B 161 21.69 1.19 3.54
CA LEU B 161 21.48 1.65 2.16
C LEU B 161 20.25 1.10 1.50
N GLN B 162 19.63 1.95 0.68
CA GLN B 162 18.44 1.55 -0.07
C GLN B 162 18.55 2.13 -1.48
N LEU B 163 18.16 1.32 -2.48
CA LEU B 163 18.11 1.79 -3.87
C LEU B 163 16.65 1.74 -4.31
N ILE B 164 16.22 2.78 -5.00
CA ILE B 164 14.86 2.78 -5.53
C ILE B 164 14.94 3.08 -7.03
N PHE B 165 14.31 2.22 -7.82
CA PHE B 165 14.23 2.42 -9.26
C PHE B 165 12.74 2.67 -9.50
N PHE B 166 12.39 3.93 -9.73
CA PHE B 166 11.00 4.31 -9.94
C PHE B 166 10.47 3.96 -11.32
N ASP B 167 9.24 3.51 -11.37
CA ASP B 167 8.58 3.29 -12.66
C ASP B 167 7.75 4.58 -12.94
N GLY B 168 7.41 4.79 -14.20
CA GLY B 168 6.52 5.91 -14.53
C GLY B 168 6.92 7.32 -14.19
N GLU B 169 8.19 7.62 -14.21
CA GLU B 169 8.60 9.01 -14.00
C GLU B 169 8.07 9.87 -15.13
N GLU B 170 8.14 9.39 -16.37
CA GLU B 170 7.76 10.19 -17.51
C GLU B 170 6.28 10.30 -17.72
N ALA B 171 5.87 11.43 -18.28
CA ALA B 171 4.47 11.57 -18.65
C ALA B 171 4.17 10.62 -19.81
N PHE B 172 2.93 10.13 -19.91
CA PHE B 172 2.53 9.31 -21.04
C PHE B 172 2.16 10.24 -22.23
N LEU B 173 1.58 11.38 -21.92
CA LEU B 173 1.13 12.34 -22.96
C LEU B 173 1.59 13.79 -22.84
N HIS B 174 1.51 14.38 -21.66
CA HIS B 174 1.95 15.75 -21.48
C HIS B 174 2.20 15.93 -20.01
N TRP B 175 3.43 16.31 -19.72
CA TRP B 175 3.93 16.53 -18.38
C TRP B 175 2.97 17.43 -17.60
N SER B 176 2.37 16.86 -16.57
CA SER B 176 1.42 17.60 -15.77
C SER B 176 1.30 16.87 -14.43
N PRO B 177 0.64 17.48 -13.43
CA PRO B 177 0.52 16.82 -12.13
C PRO B 177 -0.06 15.41 -12.16
N GLN B 178 -1.08 15.18 -12.99
CA GLN B 178 -1.66 13.84 -13.04
C GLN B 178 -1.05 12.93 -14.12
N ASP B 179 -0.10 13.46 -14.90
CA ASP B 179 0.54 12.61 -15.92
C ASP B 179 2.06 12.81 -15.81
N SER B 180 2.65 12.20 -14.81
CA SER B 180 4.09 12.27 -14.56
C SER B 180 4.30 11.74 -13.15
N LEU B 181 5.53 11.31 -12.87
CA LEU B 181 5.92 10.88 -11.53
C LEU B 181 4.97 9.88 -10.89
N TYR B 182 4.48 8.94 -11.71
CA TYR B 182 3.55 7.97 -11.16
C TYR B 182 4.10 7.14 -10.00
N GLY B 183 5.31 6.58 -10.20
CA GLY B 183 5.89 5.72 -9.21
C GLY B 183 6.31 6.44 -7.96
N SER B 184 6.89 7.60 -8.14
CA SER B 184 7.36 8.37 -6.96
C SER B 184 6.19 8.98 -6.17
N ARG B 185 5.15 9.46 -6.87
CA ARG B 185 3.98 9.96 -6.11
C ARG B 185 3.41 8.82 -5.28
N HIS B 186 3.29 7.65 -5.87
CA HIS B 186 2.73 6.53 -5.17
C HIS B 186 3.61 6.08 -4.00
N LEU B 187 4.91 5.96 -4.25
CA LEU B 187 5.77 5.43 -3.23
C LEU B 187 5.97 6.37 -2.06
N ALA B 188 6.04 7.67 -2.33
CA ALA B 188 6.20 8.65 -1.24
C ALA B 188 4.94 8.58 -0.36
N ALA B 189 3.76 8.50 -0.98
CA ALA B 189 2.53 8.43 -0.16
C ALA B 189 2.52 7.12 0.63
N LYS B 190 2.94 6.01 0.01
CA LYS B 190 2.99 4.75 0.70
C LYS B 190 4.00 4.75 1.86
N MET B 191 5.19 5.27 1.63
CA MET B 191 6.18 5.31 2.71
C MET B 191 5.74 6.25 3.85
N ALA B 192 5.05 7.33 3.52
CA ALA B 192 4.63 8.33 4.53
C ALA B 192 3.58 7.76 5.47
N SER B 193 2.90 6.70 5.04
CA SER B 193 1.84 6.11 5.86
C SER B 193 2.19 4.73 6.36
N THR B 194 3.46 4.33 6.21
CA THR B 194 3.89 3.03 6.66
C THR B 194 4.73 3.20 7.92
N PRO B 195 4.30 2.62 9.04
CA PRO B 195 5.10 2.76 10.27
C PRO B 195 6.52 2.24 10.13
N HIS B 196 7.49 2.97 10.67
CA HIS B 196 8.86 2.52 10.64
C HIS B 196 9.57 3.01 11.90
N PRO B 197 10.28 2.12 12.56
CA PRO B 197 10.48 0.70 12.25
C PRO B 197 9.17 -0.07 12.52
N PRO B 198 9.08 -1.33 12.11
CA PRO B 198 7.83 -2.07 12.37
C PRO B 198 7.41 -1.89 13.83
N GLY B 199 6.12 -1.63 14.05
CA GLY B 199 5.59 -1.45 15.41
C GLY B 199 5.52 -0.01 15.88
N ALA B 200 6.17 0.91 15.18
CA ALA B 200 6.15 2.32 15.60
C ALA B 200 4.76 2.91 15.54
N ARG B 201 4.47 3.82 16.47
CA ARG B 201 3.15 4.44 16.52
C ARG B 201 3.07 5.78 15.84
N GLY B 202 4.22 6.45 15.65
CA GLY B 202 4.15 7.77 15.06
C GLY B 202 5.23 8.21 14.10
N THR B 203 6.08 7.27 13.70
CA THR B 203 7.20 7.54 12.77
C THR B 203 6.98 6.67 11.53
N SER B 204 7.28 7.21 10.35
CA SER B 204 7.06 6.47 9.09
C SER B 204 8.35 6.13 8.36
N GLN B 205 8.21 5.32 7.30
CA GLN B 205 9.39 4.98 6.48
C GLN B 205 9.95 6.27 5.85
N LEU B 206 9.14 7.28 5.59
CA LEU B 206 9.68 8.49 5.01
C LEU B 206 10.62 9.19 6.02
N HIS B 207 10.29 9.11 7.30
CA HIS B 207 11.16 9.71 8.31
C HIS B 207 12.52 9.00 8.31
N GLY B 208 12.53 7.73 7.94
CA GLY B 208 13.76 6.96 7.89
C GLY B 208 14.72 7.34 6.76
N MET B 209 14.23 8.11 5.79
CA MET B 209 15.08 8.54 4.67
C MET B 209 15.99 9.73 5.08
N ASP B 210 17.25 9.42 5.34
CA ASP B 210 18.25 10.42 5.72
C ASP B 210 18.42 11.50 4.65
N LEU B 211 18.53 11.03 3.40
CA LEU B 211 18.81 11.86 2.26
C LEU B 211 18.46 11.03 1.01
N LEU B 212 17.79 11.67 0.06
CA LEU B 212 17.42 11.02 -1.20
C LEU B 212 18.36 11.60 -2.25
N VAL B 213 19.23 10.74 -2.76
CA VAL B 213 20.17 11.14 -3.80
C VAL B 213 19.55 10.64 -5.12
N LEU B 214 18.98 11.56 -5.86
CA LEU B 214 18.30 11.22 -7.09
C LEU B 214 19.18 11.50 -8.30
N LEU B 215 19.52 10.42 -9.05
CA LEU B 215 20.35 10.52 -10.29
C LEU B 215 19.42 10.57 -11.49
N ASP B 216 19.61 11.53 -12.38
CA ASP B 216 18.74 11.67 -13.56
C ASP B 216 19.50 12.41 -14.65
N LEU B 217 19.31 11.97 -15.90
CA LEU B 217 19.94 12.60 -17.06
C LEU B 217 21.46 12.65 -16.99
N ILE B 218 22.04 11.53 -16.62
CA ILE B 218 23.50 11.44 -16.50
C ILE B 218 24.06 10.56 -17.63
N GLY B 219 25.18 11.01 -18.16
CA GLY B 219 25.86 10.23 -19.20
C GLY B 219 26.42 11.07 -20.31
N ALA B 220 25.96 12.31 -20.44
CA ALA B 220 26.47 13.21 -21.49
C ALA B 220 27.79 13.83 -21.01
N PRO B 221 28.59 14.33 -21.94
CA PRO B 221 29.83 14.95 -21.49
C PRO B 221 29.61 16.32 -20.84
N ASN B 222 30.58 16.71 -20.04
CA ASN B 222 30.58 18.02 -19.39
C ASN B 222 29.32 18.44 -18.64
N PRO B 223 28.81 17.56 -17.78
CA PRO B 223 27.62 17.90 -17.03
C PRO B 223 27.98 18.87 -15.92
N THR B 224 27.05 19.75 -15.58
CA THR B 224 27.26 20.66 -14.46
C THR B 224 26.03 20.52 -13.57
N PHE B 225 26.26 20.02 -12.35
CA PHE B 225 25.18 19.82 -11.37
C PHE B 225 25.09 20.98 -10.41
N PRO B 226 23.91 21.63 -10.32
CA PRO B 226 23.71 22.76 -9.40
C PRO B 226 23.52 22.26 -7.97
N ASN B 227 23.75 23.17 -7.02
CA ASN B 227 23.54 22.87 -5.60
C ASN B 227 22.13 23.41 -5.41
N PHE B 228 21.13 22.53 -5.53
CA PHE B 228 19.74 22.95 -5.44
C PHE B 228 19.10 23.36 -4.12
N PHE B 229 19.47 22.69 -3.05
CA PHE B 229 18.80 22.91 -1.79
C PHE B 229 19.67 23.30 -0.61
N PRO B 230 19.32 24.42 0.04
CA PRO B 230 20.10 24.86 1.18
C PRO B 230 20.24 23.75 2.21
N ASN B 231 19.20 22.93 2.39
CA ASN B 231 19.29 21.88 3.40
C ASN B 231 20.10 20.60 3.09
N SER B 232 20.69 20.52 1.90
CA SER B 232 21.55 19.39 1.59
C SER B 232 22.87 19.94 1.05
N ALA B 233 23.03 21.27 1.10
CA ALA B 233 24.26 21.92 0.62
C ALA B 233 25.55 21.32 1.18
N ARG B 234 25.55 20.88 2.44
CA ARG B 234 26.78 20.29 2.99
C ARG B 234 27.15 18.96 2.35
N TRP B 235 26.15 18.23 1.86
CA TRP B 235 26.45 16.97 1.21
C TRP B 235 26.86 17.25 -0.23
N PHE B 236 26.36 18.33 -0.81
CA PHE B 236 26.76 18.74 -2.16
C PHE B 236 28.25 19.13 -2.06
N GLU B 237 28.61 19.78 -0.95
CA GLU B 237 30.00 20.20 -0.72
C GLU B 237 30.92 18.99 -0.61
N ARG B 238 30.41 17.90 -0.08
CA ARG B 238 31.18 16.68 0.01
C ARG B 238 31.44 16.16 -1.43
N LEU B 239 30.42 16.18 -2.28
CA LEU B 239 30.64 15.73 -3.68
C LEU B 239 31.78 16.53 -4.32
N GLN B 240 31.76 17.85 -4.18
CA GLN B 240 32.80 18.72 -4.70
C GLN B 240 34.15 18.31 -4.16
N ALA B 241 34.23 18.16 -2.83
CA ALA B 241 35.50 17.78 -2.21
C ALA B 241 36.03 16.45 -2.71
N ILE B 242 35.15 15.48 -2.90
CA ILE B 242 35.54 14.16 -3.39
C ILE B 242 36.01 14.28 -4.84
N GLU B 243 35.29 15.05 -5.63
CA GLU B 243 35.68 15.24 -7.04
C GLU B 243 37.07 15.87 -7.11
N HIS B 244 37.27 16.93 -6.32
CA HIS B 244 38.55 17.64 -6.32
C HIS B 244 39.71 16.74 -5.94
N GLU B 245 39.54 16.00 -4.86
CA GLU B 245 40.58 15.13 -4.39
C GLU B 245 40.87 13.97 -5.34
N LEU B 246 39.83 13.44 -5.99
CA LEU B 246 40.08 12.34 -6.93
C LEU B 246 40.84 12.93 -8.12
N HIS B 247 40.54 14.17 -8.49
CA HIS B 247 41.23 14.80 -9.60
C HIS B 247 42.71 14.96 -9.22
N GLU B 248 42.95 15.52 -8.04
CA GLU B 248 44.32 15.76 -7.57
C GLU B 248 45.16 14.51 -7.45
N LEU B 249 44.54 13.39 -7.05
CA LEU B 249 45.23 12.12 -6.91
C LEU B 249 45.41 11.36 -8.25
N GLY B 250 45.06 12.02 -9.34
CA GLY B 250 45.16 11.42 -10.68
C GLY B 250 44.24 10.22 -10.89
N LEU B 251 43.12 10.19 -10.17
CA LEU B 251 42.18 9.07 -10.27
C LEU B 251 40.97 9.29 -11.20
N LEU B 252 40.88 10.47 -11.81
CA LEU B 252 39.79 10.76 -12.76
C LEU B 252 40.35 10.82 -14.20
N LYS B 253 39.53 10.50 -15.19
CA LYS B 253 39.98 10.53 -16.60
C LYS B 253 39.35 11.69 -17.40
N ASP B 254 40.13 12.29 -18.29
CA ASP B 254 39.67 13.41 -19.12
C ASP B 254 38.93 14.44 -18.26
N HIS B 255 39.48 14.72 -17.09
CA HIS B 255 38.82 15.66 -16.19
C HIS B 255 39.63 16.92 -15.90
N SER B 256 38.99 18.07 -16.01
CA SER B 256 39.68 19.34 -15.73
C SER B 256 38.93 20.08 -14.63
N LEU B 257 39.67 20.73 -13.74
CA LEU B 257 39.03 21.47 -12.66
C LEU B 257 38.19 22.62 -13.19
N GLU B 258 38.56 23.16 -14.35
CA GLU B 258 37.81 24.25 -14.97
C GLU B 258 36.49 23.69 -15.50
N GLY B 259 36.45 22.38 -15.68
CA GLY B 259 35.23 21.74 -16.17
C GLY B 259 34.67 20.77 -15.16
N ARG B 260 34.85 21.07 -13.88
CA ARG B 260 34.33 20.18 -12.83
C ARG B 260 32.81 20.04 -12.90
N TYR B 261 32.33 18.89 -12.43
CA TYR B 261 30.91 18.59 -12.46
C TYR B 261 30.12 19.31 -11.36
N PHE B 262 30.71 19.46 -10.19
CA PHE B 262 30.01 20.10 -9.10
C PHE B 262 30.47 21.51 -8.86
N GLN B 263 29.71 22.42 -9.47
CA GLN B 263 29.94 23.85 -9.48
C GLN B 263 29.38 24.59 -8.27
N ASN B 264 30.14 25.55 -7.76
CA ASN B 264 29.73 26.35 -6.62
C ASN B 264 28.56 27.24 -7.09
N TYR B 265 27.40 26.66 -7.37
CA TYR B 265 26.31 27.49 -7.86
C TYR B 265 24.89 27.02 -7.49
N SER B 266 24.06 27.99 -7.11
CA SER B 266 22.69 27.71 -6.69
C SER B 266 21.67 27.82 -7.79
N TYR B 267 20.51 27.21 -7.55
CA TYR B 267 19.39 27.17 -8.47
C TYR B 267 18.15 27.46 -7.62
N GLY B 268 17.59 28.66 -7.79
CA GLY B 268 16.44 29.10 -7.02
C GLY B 268 15.22 28.21 -6.89
N GLY B 269 14.75 27.69 -8.01
CA GLY B 269 13.60 26.82 -7.98
C GLY B 269 13.99 25.35 -8.02
N VAL B 270 13.07 24.55 -8.51
CA VAL B 270 13.36 23.13 -8.58
C VAL B 270 13.11 22.73 -10.02
N ILE B 271 13.57 21.55 -10.35
CA ILE B 271 13.35 21.00 -11.66
C ILE B 271 12.46 19.84 -11.27
N GLN B 272 11.19 19.85 -11.69
CA GLN B 272 10.23 18.79 -11.35
C GLN B 272 10.85 17.41 -11.68
N ASP B 273 10.81 16.49 -10.72
CA ASP B 273 11.37 15.15 -10.94
C ASP B 273 10.87 14.25 -9.82
N ASP B 274 11.34 13.00 -9.78
CA ASP B 274 10.87 12.03 -8.78
C ASP B 274 11.09 12.40 -7.31
N HIS B 275 11.96 13.37 -7.05
CA HIS B 275 12.20 13.73 -5.65
C HIS B 275 11.08 14.59 -5.09
N ILE B 276 10.29 15.22 -5.97
CA ILE B 276 9.24 16.17 -5.53
C ILE B 276 8.25 15.63 -4.47
N PRO B 277 7.70 14.43 -4.65
CA PRO B 277 6.77 13.91 -3.64
C PRO B 277 7.43 13.67 -2.29
N PHE B 278 8.75 13.50 -2.30
CA PHE B 278 9.49 13.29 -1.06
C PHE B 278 9.90 14.64 -0.47
N LEU B 279 10.37 15.52 -1.35
CA LEU B 279 10.80 16.87 -0.96
C LEU B 279 9.64 17.57 -0.25
N ARG B 280 8.45 17.47 -0.83
CA ARG B 280 7.28 18.17 -0.26
C ARG B 280 6.85 17.65 1.09
N ARG B 281 7.39 16.52 1.52
CA ARG B 281 7.08 15.92 2.79
C ARG B 281 8.24 16.03 3.75
N GLY B 282 9.25 16.79 3.34
CA GLY B 282 10.38 17.03 4.23
C GLY B 282 11.63 16.19 4.07
N VAL B 283 11.67 15.29 3.09
CA VAL B 283 12.85 14.47 2.91
C VAL B 283 13.99 15.30 2.29
N PRO B 284 15.20 15.25 2.87
CA PRO B 284 16.30 16.03 2.29
C PRO B 284 16.68 15.39 0.96
N VAL B 285 16.96 16.23 -0.01
CA VAL B 285 17.28 15.71 -1.36
C VAL B 285 18.58 16.26 -1.92
N LEU B 286 19.37 15.38 -2.51
CA LEU B 286 20.57 15.78 -3.22
C LEU B 286 20.16 15.39 -4.67
N HIS B 287 19.80 16.38 -5.49
CA HIS B 287 19.30 16.11 -6.85
C HIS B 287 20.40 16.16 -7.87
N LEU B 288 20.88 14.98 -8.25
CA LEU B 288 21.97 14.89 -9.22
C LEU B 288 21.42 14.84 -10.65
N ILE B 289 20.93 15.99 -11.09
CA ILE B 289 20.44 16.19 -12.44
C ILE B 289 21.20 17.40 -12.95
N PRO B 290 21.73 17.34 -14.17
CA PRO B 290 22.47 18.49 -14.69
C PRO B 290 21.61 19.62 -15.23
N SER B 291 22.17 20.83 -15.20
CA SER B 291 21.49 21.96 -15.81
C SER B 291 22.66 22.68 -16.49
N PRO B 292 22.61 22.81 -17.82
CA PRO B 292 21.55 22.34 -18.74
C PRO B 292 21.43 20.82 -18.83
N PHE B 293 20.29 20.40 -19.35
CA PHE B 293 20.06 18.98 -19.57
C PHE B 293 20.94 18.60 -20.77
N PRO B 294 21.15 17.30 -20.99
CA PRO B 294 21.96 16.84 -22.14
C PRO B 294 21.36 17.41 -23.44
N GLU B 295 22.21 17.71 -24.42
CA GLU B 295 21.71 18.24 -25.68
C GLU B 295 20.71 17.32 -26.35
N VAL B 296 20.90 16.00 -26.16
CA VAL B 296 20.01 15.02 -26.77
C VAL B 296 18.72 14.73 -25.99
N TRP B 297 18.46 15.47 -24.90
CA TRP B 297 17.27 15.24 -24.08
C TRP B 297 15.97 15.11 -24.88
N HIS B 298 15.24 14.02 -24.61
CA HIS B 298 13.97 13.74 -25.26
C HIS B 298 13.98 13.72 -26.76
N THR B 299 15.08 13.21 -27.30
CA THR B 299 15.19 12.98 -28.74
C THR B 299 15.70 11.56 -28.93
N MET B 300 15.60 11.08 -30.17
CA MET B 300 16.07 9.73 -30.50
C MET B 300 17.59 9.65 -30.39
N ASP B 301 18.28 10.79 -30.25
CA ASP B 301 19.70 10.76 -30.12
C ASP B 301 20.15 10.54 -28.67
N ASP B 302 19.20 10.34 -27.75
CA ASP B 302 19.65 10.05 -26.38
C ASP B 302 19.86 8.53 -26.39
N ASN B 303 20.99 8.16 -26.97
CA ASN B 303 21.35 6.77 -27.19
C ASN B 303 22.76 6.42 -26.69
N GLU B 304 23.14 5.17 -26.90
CA GLU B 304 24.44 4.71 -26.43
C GLU B 304 25.64 5.47 -27.04
N GLU B 305 25.56 5.76 -28.34
CA GLU B 305 26.65 6.44 -29.03
C GLU B 305 26.94 7.84 -28.48
N ASN B 306 25.92 8.48 -27.94
CA ASN B 306 26.14 9.82 -27.43
C ASN B 306 26.55 9.90 -25.97
N LEU B 307 26.70 8.75 -25.34
CA LEU B 307 27.16 8.71 -23.95
C LEU B 307 28.66 8.92 -23.91
N ASP B 308 29.17 9.36 -22.76
CA ASP B 308 30.60 9.60 -22.60
C ASP B 308 31.13 8.73 -21.48
N GLU B 309 31.86 7.71 -21.88
CA GLU B 309 32.44 6.73 -20.99
C GLU B 309 33.21 7.31 -19.78
N SER B 310 34.14 8.23 -20.07
CA SER B 310 34.95 8.79 -19.00
C SER B 310 34.14 9.54 -17.98
N THR B 311 33.18 10.32 -18.45
CA THR B 311 32.34 11.07 -17.52
C THR B 311 31.63 10.15 -16.55
N ILE B 312 31.01 9.09 -17.07
CA ILE B 312 30.30 8.12 -16.24
C ILE B 312 31.22 7.41 -15.28
N ASP B 313 32.42 7.04 -15.76
CA ASP B 313 33.37 6.36 -14.91
C ASP B 313 33.77 7.29 -13.77
N ASN B 314 34.01 8.57 -14.08
CA ASN B 314 34.40 9.54 -13.05
C ASN B 314 33.28 9.68 -11.99
N LEU B 315 32.03 9.79 -12.47
CA LEU B 315 30.90 9.92 -11.54
C LEU B 315 30.67 8.67 -10.71
N ASN B 316 30.91 7.48 -11.28
CA ASN B 316 30.81 6.25 -10.51
C ASN B 316 31.77 6.30 -9.33
N LYS B 317 32.98 6.74 -9.61
CA LYS B 317 34.00 6.84 -8.56
C LYS B 317 33.57 7.80 -7.49
N ILE B 318 33.13 8.98 -7.90
CA ILE B 318 32.71 10.02 -6.96
C ILE B 318 31.53 9.54 -6.11
N LEU B 319 30.53 8.96 -6.77
CA LEU B 319 29.34 8.49 -6.04
C LEU B 319 29.67 7.37 -5.07
N GLN B 320 30.49 6.44 -5.50
CA GLN B 320 30.87 5.31 -4.65
C GLN B 320 31.61 5.81 -3.41
N VAL B 321 32.49 6.78 -3.58
CA VAL B 321 33.20 7.30 -2.41
C VAL B 321 32.18 7.96 -1.47
N PHE B 322 31.32 8.80 -2.03
CA PHE B 322 30.30 9.50 -1.25
C PHE B 322 29.49 8.52 -0.43
N VAL B 323 29.09 7.40 -1.02
CA VAL B 323 28.28 6.44 -0.31
C VAL B 323 29.02 5.73 0.84
N LEU B 324 30.27 5.35 0.61
CA LEU B 324 31.06 4.71 1.65
C LEU B 324 31.27 5.71 2.80
N GLU B 325 31.57 6.95 2.46
CA GLU B 325 31.80 7.95 3.50
C GLU B 325 30.55 8.23 4.31
N TYR B 326 29.39 8.21 3.67
CA TYR B 326 28.15 8.44 4.40
C TYR B 326 27.87 7.25 5.36
N LEU B 327 28.08 6.04 4.87
CA LEU B 327 27.82 4.84 5.64
C LEU B 327 28.92 4.43 6.61
N HIS B 328 30.04 5.17 6.59
CA HIS B 328 31.21 4.87 7.42
C HIS B 328 31.75 3.48 7.11
N LEU B 329 31.92 3.21 5.81
CA LEU B 329 32.45 1.91 5.37
C LEU B 329 33.77 2.09 4.63
#